data_1Q9Y
#
_entry.id   1Q9Y
#
_cell.length_a   80.822
_cell.length_b   118.565
_cell.length_c   127.224
_cell.angle_alpha   90.00
_cell.angle_beta   90.00
_cell.angle_gamma   90.00
#
_symmetry.space_group_name_H-M   'P 21 21 21'
#
loop_
_entity.id
_entity.type
_entity.pdbx_description
1 polymer "5'-AC(8-OXOGUANOSINE)GGTAAGCAGTCCGCG-3'"
2 polymer "5'-GCGGACTGCTTAC(DIDEOXYCYTIDINE)-3'"
3 polymer 'DNA POLYMERASE'
4 non-polymer "2'-DEOXYCYTIDINE-5'-TRIPHOSPHATE"
5 non-polymer 'CALCIUM ION'
6 water water
#
loop_
_entity_poly.entity_id
_entity_poly.type
_entity_poly.pdbx_seq_one_letter_code
_entity_poly.pdbx_strand_id
1 'polydeoxyribonucleotide' (DA)(DC)(8OG)(DG)(DG)(DT)(DA)(DA)(DG)(DC)(DA)(DG)(DT)(DC)(DC)(DG)(DC)(DG) T
2 'polydeoxyribonucleotide' (DG)(DC)(DG)(DG)(DA)(DC)(DT)(DG)(DC)(DT)(DT)(DA)(DC)(DOC) P
3 'polypeptide(L)'
;HGSMKEFYLTVEQIGDSIFERYIDSNGRERTREVEYKPSLFAHCPESQATKYFDIYGKPCTRKLFANMRDASQWIKRMED
IGLEALGMDDFKLAYLSDTYNYEIKYDHTKIRVANFDIEVTSPDGFPEPSQAKHPIDAITHYDSIDDRFYVFDLLNSPYG
NVEEWSIEIAAKLQEQGGDEVPSEIIDKIIYMPFDNEKELLMEYLNFWQQKTPVILTGWNVESFAIPYVYNRIKNIFGES
TAKRLSPHRKTRVKVIENMYGSREIITLFGISVLDYIDLYKKFSFTNQPSYSLDYISEFELNVGKLKYDGPISKLRESNH
QRYISYNIIAVYRVLQIDAKRQFINLSLDMGYYAKIQIQSVFSPIKTWDAIIFNSLKEQNKVIPQGRSHPVQPYPGAFVK
EPIPNRYKYVMSFDLTSLYPSIIRQVNISPETIAGTFKVAPLHDYINAVAERPSDVYSCSPNGMMYYKDRDGVVPTEITK
VFNQRKEHKGYMLAAQRNGEIIKEALHNPNLSVDEPLDVDYRFDFSDEIKEKIKKLSAKSLNEMLFRAQRTEVAGMTAQI
NRKLLINSLYGALGNVWFRYYDLRNATAITTFGQMALQWIERKVNEYLNEVCGTEGEAFVLYGDTDSIYVSADKIIDKVG
ESKFRDTNHWVDFLDKFARERMEPAIDRGFREMCEYMNNKQHLMFMDREAIAGPPLGSKGIGGFWTGKKRYALNVWDMEG
TRYAEPKLKIMGLETQKSSTPKAVQKALKECIRRMLQEGEESLQEYFKEFEKEFRQLNYISIASVSSANNIAKYDVGGFP
GPKCPFHIRGILTYNRAIKGNIDAPQVVEGEKVYVLPLREGNPFGDKCIAWPSGTEITDLIKDDVLHWMDYTVLLEKTFI
KPLEGFTSAAKLDYEKKASLFDMFDF
;
A
#
loop_
_chem_comp.id
_chem_comp.type
_chem_comp.name
_chem_comp.formula
8OG DNA linking 8-OXO-2'-DEOXY-GUANOSINE-5'-MONOPHOSPHATE 'C10 H14 N5 O8 P'
CA non-polymer 'CALCIUM ION' 'Ca 2'
DA DNA linking 2'-DEOXYADENOSINE-5'-MONOPHOSPHATE 'C10 H14 N5 O6 P'
DC DNA linking 2'-DEOXYCYTIDINE-5'-MONOPHOSPHATE 'C9 H14 N3 O7 P'
DCP non-polymer 2'-DEOXYCYTIDINE-5'-TRIPHOSPHATE 'C9 H16 N3 O13 P3'
DG DNA linking 2'-DEOXYGUANOSINE-5'-MONOPHOSPHATE 'C10 H14 N5 O7 P'
DOC DNA linking 2',3'-DIDEOXYCYTIDINE-5'-MONOPHOSPHATE 'C9 H14 N3 O6 P'
DT DNA linking THYMIDINE-5'-MONOPHOSPHATE 'C10 H15 N2 O8 P'
#
# COMPACT_ATOMS: atom_id res chain seq x y z
P 8OG A 3 -9.83 -7.82 -6.87
OP1 8OG A 3 -9.48 -6.45 -7.22
OP2 8OG A 3 -8.85 -8.89 -6.97
O5' 8OG A 3 -10.32 -7.86 -5.38
C5' 8OG A 3 -10.89 -6.72 -4.77
C4' 8OG A 3 -11.61 -7.15 -3.50
O4' 8OG A 3 -10.68 -7.69 -2.52
C3' 8OG A 3 -12.33 -6.05 -2.75
O3' 8OG A 3 -13.67 -5.92 -3.24
C2' 8OG A 3 -12.34 -6.61 -1.32
C1' 8OG A 3 -10.98 -7.28 -1.18
N9 8OG A 3 -10.08 -6.31 -0.54
C8 8OG A 3 -9.17 -5.58 -1.19
N7 8OG A 3 -8.50 -4.77 -0.48
C5 8OG A 3 -8.99 -4.91 0.78
C6 8OG A 3 -8.62 -4.29 1.98
O6 8OG A 3 -7.75 -3.41 2.14
N1 8OG A 3 -9.41 -4.78 3.01
C2 8OG A 3 -10.37 -5.76 2.91
N2 8OG A 3 -11.03 -6.09 4.01
N3 8OG A 3 -10.71 -6.34 1.76
C4 8OG A 3 -9.98 -5.88 0.75
O8 8OG A 3 -9.06 -5.75 -2.39
N1 DOC B 14 -9.77 0.25 8.96
C2 DOC B 14 -10.48 -0.28 7.92
N3 DOC B 14 -10.04 -0.07 6.68
C4 DOC B 14 -8.94 0.59 6.49
C5 DOC B 14 -8.17 1.12 7.53
C6 DOC B 14 -8.61 0.91 8.75
O2 DOC B 14 -11.52 -0.91 8.11
N4 DOC B 14 -8.61 0.73 5.22
C1' DOC B 14 -10.24 0.03 10.35
C2' DOC B 14 -9.59 -1.13 11.05
C3' DOC B 14 -9.60 -0.67 12.49
C4' DOC B 14 -9.38 0.82 12.37
O4' DOC B 14 -9.81 1.17 11.04
C5' DOC B 14 -7.95 1.27 12.56
O5' DOC B 14 -8.04 2.44 13.37
P DOC B 14 -6.98 3.64 13.17
OP1 DOC B 14 -6.76 4.34 14.49
OP2 DOC B 14 -5.88 3.18 12.25
N HIS C 1 23.55 -35.58 -10.33
CA HIS C 1 22.62 -34.39 -10.34
C HIS C 1 21.59 -34.52 -9.19
N GLY C 2 22.06 -34.25 -7.97
CA GLY C 2 21.20 -34.18 -6.79
C GLY C 2 20.74 -32.75 -6.48
N SER C 3 19.70 -32.30 -7.17
CA SER C 3 19.41 -30.87 -7.17
C SER C 3 18.01 -30.47 -7.66
N MET C 4 17.92 -29.21 -8.09
CA MET C 4 16.73 -28.41 -7.87
C MET C 4 15.59 -28.73 -8.85
N LYS C 5 14.38 -28.42 -8.39
CA LYS C 5 13.16 -28.74 -9.13
C LYS C 5 12.78 -27.56 -10.01
N GLU C 6 12.06 -27.86 -11.08
CA GLU C 6 11.78 -26.88 -12.11
C GLU C 6 10.80 -25.85 -11.53
N PHE C 7 10.76 -24.66 -12.10
CA PHE C 7 9.78 -23.65 -11.65
C PHE C 7 9.38 -22.72 -12.78
N TYR C 8 8.08 -22.45 -12.92
CA TYR C 8 7.64 -21.63 -14.02
C TYR C 8 8.07 -20.15 -13.91
N LEU C 9 8.00 -19.45 -15.04
CA LEU C 9 8.29 -18.02 -15.16
C LEU C 9 7.00 -17.31 -15.61
N THR C 10 6.57 -17.57 -16.83
CA THR C 10 5.28 -17.09 -17.29
C THR C 10 4.55 -18.22 -17.99
N VAL C 11 3.28 -17.94 -18.31
CA VAL C 11 2.32 -18.90 -18.85
C VAL C 11 1.18 -18.13 -19.55
N GLU C 12 0.77 -18.60 -20.69
CA GLU C 12 -0.30 -17.93 -21.38
C GLU C 12 -1.15 -18.96 -22.05
N GLN C 13 -2.35 -18.56 -22.44
CA GLN C 13 -3.26 -19.34 -23.28
C GLN C 13 -3.53 -18.67 -24.63
N ILE C 14 -3.03 -19.25 -25.71
CA ILE C 14 -3.48 -18.89 -27.06
C ILE C 14 -4.20 -20.07 -27.67
N GLY C 15 -5.49 -19.87 -27.94
CA GLY C 15 -6.34 -20.92 -28.49
C GLY C 15 -6.19 -22.19 -27.70
N ASP C 16 -5.88 -23.30 -28.38
CA ASP C 16 -5.81 -24.63 -27.80
C ASP C 16 -4.39 -25.03 -27.50
N SER C 17 -3.64 -24.08 -26.98
CA SER C 17 -2.27 -24.33 -26.58
C SER C 17 -1.84 -23.36 -25.47
N ILE C 18 -1.00 -23.88 -24.59
CA ILE C 18 -0.48 -23.14 -23.46
C ILE C 18 0.98 -22.79 -23.73
N PHE C 19 1.35 -21.53 -23.57
CA PHE C 19 2.70 -21.15 -23.80
C PHE C 19 3.32 -20.87 -22.42
N GLU C 20 4.31 -21.68 -22.05
CA GLU C 20 5.01 -21.55 -20.78
C GLU C 20 6.52 -21.33 -21.01
N ARG C 21 7.04 -20.40 -20.22
CA ARG C 21 8.47 -20.18 -20.08
C ARG C 21 8.77 -20.63 -18.67
N TYR C 22 9.78 -21.50 -18.51
CA TYR C 22 10.13 -22.04 -17.20
C TYR C 22 11.61 -22.17 -17.07
N ILE C 23 12.07 -22.48 -15.85
CA ILE C 23 13.47 -22.81 -15.54
C ILE C 23 13.53 -24.28 -15.18
N ASP C 24 14.28 -25.05 -15.95
CA ASP C 24 14.40 -26.50 -15.75
C ASP C 24 15.36 -26.93 -14.61
N SER C 25 15.62 -28.23 -14.54
CA SER C 25 16.34 -28.77 -13.42
C SER C 25 17.82 -28.40 -13.42
N ASN C 26 18.38 -28.09 -14.60
CA ASN C 26 19.76 -27.56 -14.68
C ASN C 26 19.80 -26.04 -14.75
N GLY C 27 18.72 -25.40 -14.32
CA GLY C 27 18.60 -23.95 -14.21
C GLY C 27 18.57 -23.14 -15.50
N ARG C 28 18.35 -23.77 -16.64
CA ARG C 28 18.35 -23.07 -17.93
C ARG C 28 16.95 -22.59 -18.26
N GLU C 29 16.84 -21.44 -18.91
CA GLU C 29 15.55 -20.93 -19.34
C GLU C 29 15.03 -21.56 -20.62
N ARG C 30 13.73 -21.91 -20.64
CA ARG C 30 13.12 -22.63 -21.75
C ARG C 30 11.72 -22.11 -22.13
N THR C 31 11.21 -22.57 -23.27
CA THR C 31 9.82 -22.40 -23.66
C THR C 31 9.29 -23.74 -24.15
N ARG C 32 8.08 -24.09 -23.70
CA ARG C 32 7.28 -25.11 -24.40
C ARG C 32 5.89 -24.62 -24.81
N GLU C 33 5.32 -25.28 -25.81
CA GLU C 33 3.92 -25.16 -26.21
C GLU C 33 3.30 -26.51 -25.85
N VAL C 34 2.11 -26.50 -25.26
CA VAL C 34 1.49 -27.72 -24.80
C VAL C 34 0.01 -27.68 -25.13
N GLU C 35 -0.53 -28.68 -25.85
CA GLU C 35 -2.00 -28.82 -26.00
C GLU C 35 -2.57 -29.45 -24.73
N TYR C 36 -2.75 -28.60 -23.71
CA TYR C 36 -3.18 -29.02 -22.39
C TYR C 36 -4.58 -29.58 -22.53
N LYS C 37 -4.79 -30.71 -21.84
CA LYS C 37 -6.08 -31.36 -21.74
C LYS C 37 -6.63 -31.10 -20.35
N PRO C 38 -7.60 -30.19 -20.27
CA PRO C 38 -8.23 -29.87 -18.99
C PRO C 38 -9.38 -30.81 -18.72
N SER C 39 -9.84 -30.70 -17.48
CA SER C 39 -10.89 -31.51 -16.92
C SER C 39 -11.82 -30.55 -16.20
N LEU C 40 -13.10 -30.55 -16.55
CA LEU C 40 -14.11 -29.93 -15.68
C LEU C 40 -14.95 -31.07 -15.21
N PHE C 41 -15.87 -30.82 -14.30
CA PHE C 41 -16.67 -31.93 -13.73
C PHE C 41 -18.16 -31.64 -13.77
N ALA C 42 -18.95 -32.66 -13.47
CA ALA C 42 -20.40 -32.52 -13.35
C ALA C 42 -20.91 -33.43 -12.26
N HIS C 43 -22.04 -33.08 -11.68
CA HIS C 43 -22.69 -33.96 -10.74
C HIS C 43 -23.06 -35.25 -11.45
N CYS C 44 -23.15 -36.33 -10.71
CA CYS C 44 -23.79 -37.57 -11.21
C CYS C 44 -24.58 -38.22 -10.08
N PRO C 45 -25.33 -39.27 -10.35
CA PRO C 45 -26.11 -39.92 -9.29
C PRO C 45 -25.23 -40.40 -8.11
N GLU C 46 -25.86 -40.57 -6.94
CA GLU C 46 -25.18 -40.99 -5.70
C GLU C 46 -24.34 -42.26 -5.93
N SER C 47 -24.73 -43.06 -6.93
CA SER C 47 -24.15 -44.38 -7.20
C SER C 47 -22.84 -44.42 -8.01
N GLN C 48 -22.72 -43.60 -9.03
CA GLN C 48 -21.53 -43.60 -9.91
C GLN C 48 -20.25 -43.16 -9.17
N ALA C 49 -19.93 -43.81 -8.05
CA ALA C 49 -19.03 -43.23 -7.04
C ALA C 49 -17.60 -43.24 -7.55
N THR C 50 -16.76 -42.40 -6.96
CA THR C 50 -15.39 -42.23 -7.41
C THR C 50 -14.56 -41.37 -6.45
N LYS C 51 -13.67 -40.58 -7.04
CA LYS C 51 -12.69 -39.77 -6.33
C LYS C 51 -13.28 -38.43 -5.97
N TYR C 52 -13.93 -37.84 -6.97
CA TYR C 52 -14.29 -36.43 -6.97
C TYR C 52 -15.65 -36.15 -6.32
N PHE C 53 -15.61 -35.40 -5.24
CA PHE C 53 -16.80 -34.83 -4.64
C PHE C 53 -16.72 -33.31 -4.62
N ASP C 54 -17.76 -32.58 -5.01
CA ASP C 54 -17.77 -31.13 -4.71
C ASP C 54 -17.55 -30.87 -3.20
N ILE C 55 -17.30 -29.60 -2.85
CA ILE C 55 -16.97 -29.22 -1.49
C ILE C 55 -18.07 -29.53 -0.49
N TYR C 56 -19.27 -29.86 -0.98
CA TYR C 56 -20.38 -30.29 -0.14
C TYR C 56 -20.59 -31.80 -0.07
N GLY C 57 -19.65 -32.60 -0.56
CA GLY C 57 -19.80 -34.05 -0.58
C GLY C 57 -20.71 -34.61 -1.68
N LYS C 58 -21.11 -33.75 -2.63
CA LYS C 58 -21.96 -34.23 -3.71
C LYS C 58 -21.03 -34.84 -4.76
N PRO C 59 -21.20 -36.10 -5.08
CA PRO C 59 -20.29 -36.76 -6.00
C PRO C 59 -20.23 -36.06 -7.37
N CYS C 60 -19.11 -36.25 -8.07
CA CYS C 60 -18.94 -35.70 -9.39
C CYS C 60 -18.17 -36.62 -10.28
N THR C 61 -18.29 -36.38 -11.57
CA THR C 61 -17.62 -37.18 -12.59
C THR C 61 -16.79 -36.26 -13.50
N ARG C 62 -15.53 -36.63 -13.69
CA ARG C 62 -14.54 -35.81 -14.38
C ARG C 62 -14.73 -35.95 -15.86
N LYS C 63 -14.57 -34.88 -16.64
CA LYS C 63 -14.71 -34.95 -18.10
C LYS C 63 -13.42 -34.60 -18.85
N LEU C 64 -12.92 -35.56 -19.62
CA LEU C 64 -11.86 -35.38 -20.61
C LEU C 64 -12.25 -34.24 -21.47
N PHE C 65 -11.34 -33.31 -21.71
CA PHE C 65 -11.52 -32.49 -22.89
C PHE C 65 -10.37 -32.59 -23.84
N ALA C 66 -10.66 -32.53 -25.14
CA ALA C 66 -9.62 -32.75 -26.16
C ALA C 66 -8.68 -31.56 -26.22
N ASN C 67 -9.25 -30.40 -25.97
CA ASN C 67 -8.53 -29.14 -25.93
C ASN C 67 -9.37 -28.13 -25.16
N MET C 68 -8.93 -26.88 -25.14
CA MET C 68 -9.45 -25.91 -24.21
C MET C 68 -10.69 -25.25 -24.78
N ARG C 69 -10.68 -24.91 -26.08
CA ARG C 69 -11.88 -24.40 -26.75
C ARG C 69 -13.00 -25.44 -26.63
N ASP C 70 -12.66 -26.72 -26.68
CA ASP C 70 -13.65 -27.80 -26.58
C ASP C 70 -14.32 -27.82 -25.20
N ALA C 71 -13.56 -27.50 -24.14
CA ALA C 71 -14.08 -27.48 -22.76
C ALA C 71 -14.85 -26.17 -22.44
N SER C 72 -14.66 -25.15 -23.26
CA SER C 72 -15.34 -23.86 -23.09
C SER C 72 -16.70 -23.83 -23.72
N GLN C 73 -16.86 -24.55 -24.83
CA GLN C 73 -18.15 -24.64 -25.47
C GLN C 73 -18.97 -25.58 -24.58
N TRP C 74 -18.30 -26.35 -23.73
CA TRP C 74 -19.00 -27.20 -22.78
C TRP C 74 -19.54 -26.40 -21.62
N ILE C 75 -18.76 -25.44 -21.12
CA ILE C 75 -19.25 -24.59 -20.05
C ILE C 75 -20.44 -23.77 -20.49
N LYS C 76 -20.42 -23.29 -21.74
CA LYS C 76 -21.53 -22.53 -22.33
C LYS C 76 -22.75 -23.41 -22.59
N ARG C 77 -22.48 -24.68 -22.93
CA ARG C 77 -23.54 -25.61 -23.28
C ARG C 77 -24.25 -26.06 -22.01
N MET C 78 -23.52 -26.04 -20.88
CA MET C 78 -24.09 -26.50 -19.61
C MET C 78 -24.93 -25.40 -19.00
N GLU C 79 -24.67 -24.16 -19.41
CA GLU C 79 -25.48 -23.00 -19.02
C GLU C 79 -26.68 -22.93 -19.92
N ASP C 80 -26.53 -23.30 -21.19
CA ASP C 80 -27.65 -23.33 -22.12
C ASP C 80 -28.71 -24.32 -21.62
N ILE C 81 -28.26 -25.41 -20.96
CA ILE C 81 -29.10 -26.40 -20.28
C ILE C 81 -29.46 -26.00 -18.85
N GLY C 82 -28.56 -25.36 -18.12
CA GLY C 82 -28.85 -24.94 -16.76
C GLY C 82 -28.43 -25.84 -15.60
N LEU C 83 -27.41 -26.70 -15.78
CA LEU C 83 -26.75 -27.37 -14.66
C LEU C 83 -25.36 -26.77 -14.39
N GLU C 84 -24.87 -26.99 -13.16
CA GLU C 84 -23.60 -26.43 -12.71
C GLU C 84 -22.50 -27.19 -13.42
N ALA C 85 -21.54 -26.41 -13.96
CA ALA C 85 -20.29 -26.93 -14.51
C ALA C 85 -19.13 -26.70 -13.57
N LEU C 86 -18.79 -27.68 -12.74
CA LEU C 86 -17.73 -27.51 -11.74
C LEU C 86 -16.30 -27.63 -12.29
N GLY C 87 -15.33 -27.25 -11.44
CA GLY C 87 -13.91 -27.27 -11.77
C GLY C 87 -13.37 -25.88 -12.06
N MET C 88 -12.05 -25.78 -12.20
CA MET C 88 -11.37 -24.51 -12.45
C MET C 88 -11.50 -24.12 -13.92
N ASP C 89 -12.27 -23.10 -14.26
CA ASP C 89 -12.43 -22.74 -15.67
C ASP C 89 -11.40 -21.79 -16.21
N ASP C 90 -10.47 -21.32 -15.38
CA ASP C 90 -9.26 -20.62 -15.84
C ASP C 90 -8.20 -21.69 -15.99
N PHE C 91 -7.94 -22.09 -17.22
CA PHE C 91 -7.02 -23.20 -17.48
C PHE C 91 -5.54 -22.89 -17.22
N LYS C 92 -5.10 -21.64 -17.31
CA LYS C 92 -3.71 -21.36 -17.02
C LYS C 92 -3.38 -21.82 -15.60
N LEU C 93 -4.27 -21.53 -14.67
CA LEU C 93 -4.14 -22.03 -13.29
C LEU C 93 -4.20 -23.55 -13.09
N ALA C 94 -5.01 -24.26 -13.88
CA ALA C 94 -5.09 -25.72 -13.74
C ALA C 94 -3.77 -26.37 -14.17
N TYR C 95 -3.35 -25.95 -15.35
CA TYR C 95 -2.05 -26.24 -15.91
C TYR C 95 -0.91 -25.99 -14.95
N LEU C 96 -0.93 -24.84 -14.29
CA LEU C 96 0.11 -24.52 -13.31
C LEU C 96 0.03 -25.46 -12.14
N SER C 97 -1.19 -25.77 -11.72
CA SER C 97 -1.40 -26.67 -10.60
C SER C 97 -1.01 -28.11 -10.95
N ASP C 98 -1.23 -28.49 -12.21
CA ASP C 98 -0.97 -29.87 -12.66
C ASP C 98 0.53 -30.14 -12.83
N THR C 99 1.19 -29.20 -13.47
CA THR C 99 2.62 -29.20 -13.71
C THR C 99 3.43 -29.05 -12.42
N TYR C 100 3.06 -28.08 -11.56
CA TYR C 100 3.87 -27.79 -10.36
C TYR C 100 3.22 -28.31 -9.07
N ASN C 101 2.92 -29.60 -9.05
CA ASN C 101 2.29 -30.24 -7.90
C ASN C 101 3.17 -30.38 -6.65
N TYR C 102 3.62 -29.27 -6.09
CA TYR C 102 4.53 -29.24 -4.93
C TYR C 102 4.77 -27.77 -4.50
N GLU C 103 5.38 -27.56 -3.33
CA GLU C 103 5.67 -26.22 -2.83
C GLU C 103 6.79 -25.72 -3.73
N ILE C 104 6.57 -24.63 -4.46
CA ILE C 104 7.59 -24.14 -5.37
C ILE C 104 8.65 -23.38 -4.59
N LYS C 105 9.87 -23.88 -4.64
CA LYS C 105 10.98 -23.20 -4.02
C LYS C 105 11.80 -22.62 -5.17
N TYR C 106 11.86 -21.29 -5.30
CA TYR C 106 12.28 -20.66 -6.54
C TYR C 106 13.50 -19.79 -6.39
N ASP C 107 14.37 -19.80 -7.40
CA ASP C 107 15.61 -19.01 -7.40
C ASP C 107 15.48 -17.68 -8.17
N HIS C 108 15.38 -16.55 -7.47
CA HIS C 108 15.28 -15.22 -8.13
C HIS C 108 16.50 -14.83 -8.99
N THR C 109 17.71 -15.26 -8.63
CA THR C 109 18.87 -14.89 -9.44
C THR C 109 18.74 -15.45 -10.84
N LYS C 110 17.79 -16.34 -11.03
CA LYS C 110 17.59 -16.97 -12.33
C LYS C 110 16.44 -16.35 -13.14
N ILE C 111 15.60 -15.54 -12.50
CA ILE C 111 14.43 -14.87 -13.13
C ILE C 111 14.83 -13.55 -13.74
N ARG C 112 14.58 -13.32 -15.03
CA ARG C 112 15.03 -12.06 -15.62
C ARG C 112 14.08 -10.89 -15.31
N VAL C 113 14.53 -9.98 -14.46
CA VAL C 113 13.76 -8.80 -14.11
C VAL C 113 14.38 -7.58 -14.80
N ALA C 114 13.63 -6.96 -15.71
CA ALA C 114 14.14 -5.87 -16.51
C ALA C 114 13.40 -4.65 -16.06
N ASN C 115 14.08 -3.51 -16.10
CA ASN C 115 13.64 -2.26 -15.52
C ASN C 115 13.94 -1.22 -16.53
N PHE C 116 12.95 -0.57 -17.11
CA PHE C 116 13.31 0.39 -18.12
C PHE C 116 12.49 1.64 -18.09
N ASP C 117 13.09 2.65 -18.69
CA ASP C 117 12.40 3.89 -18.93
C ASP C 117 12.94 4.50 -20.23
N ILE C 118 12.08 5.20 -20.94
CA ILE C 118 12.46 5.83 -22.19
C ILE C 118 12.39 7.34 -22.07
N GLU C 119 12.96 8.03 -23.06
CA GLU C 119 12.78 9.46 -23.19
C GLU C 119 12.40 9.77 -24.63
N VAL C 120 11.47 10.71 -24.80
CA VAL C 120 10.82 11.00 -26.06
C VAL C 120 10.60 12.49 -26.11
N THR C 121 11.49 13.25 -26.74
CA THR C 121 11.37 14.70 -26.82
C THR C 121 10.14 15.03 -27.63
N SER C 122 9.33 15.94 -27.10
CA SER C 122 8.22 16.53 -27.82
C SER C 122 8.12 18.03 -27.52
N PRO C 123 8.11 18.84 -28.57
CA PRO C 123 7.89 20.29 -28.47
C PRO C 123 6.40 20.61 -28.57
N ASP C 124 5.63 19.53 -28.69
CA ASP C 124 4.20 19.55 -28.85
C ASP C 124 3.55 19.46 -27.49
N GLY C 125 4.28 19.06 -26.46
CA GLY C 125 3.64 18.74 -25.19
C GLY C 125 3.56 17.23 -25.03
N PHE C 126 2.61 16.73 -24.22
CA PHE C 126 2.74 15.34 -23.78
C PHE C 126 2.46 14.35 -24.90
N PRO C 127 3.36 13.39 -25.11
CA PRO C 127 3.39 12.57 -26.34
C PRO C 127 2.55 11.29 -26.29
N GLU C 128 1.29 11.37 -26.69
CA GLU C 128 0.40 10.24 -26.47
C GLU C 128 0.96 8.95 -27.07
N PRO C 129 1.14 7.89 -26.27
CA PRO C 129 1.60 6.60 -26.81
C PRO C 129 0.68 5.99 -27.86
N SER C 130 -0.62 6.28 -27.82
CA SER C 130 -1.53 5.69 -28.79
C SER C 130 -1.18 6.16 -30.21
N GLN C 131 -0.81 7.43 -30.37
CA GLN C 131 -0.31 8.00 -31.65
C GLN C 131 1.19 7.72 -31.89
N ALA C 132 1.99 7.93 -30.85
CA ALA C 132 3.47 7.91 -30.93
C ALA C 132 4.06 8.80 -32.04
N LYS C 133 3.62 10.04 -32.13
CA LYS C 133 4.05 10.96 -33.17
C LYS C 133 5.58 11.15 -33.24
N HIS C 134 6.23 11.13 -32.08
CA HIS C 134 7.58 11.66 -31.89
C HIS C 134 8.65 10.58 -31.67
N PRO C 135 9.87 10.87 -32.11
CA PRO C 135 10.95 9.91 -31.94
C PRO C 135 11.26 9.55 -30.49
N ILE C 136 11.54 8.25 -30.31
CA ILE C 136 12.06 7.70 -29.08
C ILE C 136 13.54 8.01 -29.18
N ASP C 137 14.05 8.79 -28.24
CA ASP C 137 15.42 9.27 -28.37
C ASP C 137 16.36 8.84 -27.23
N ALA C 138 15.83 8.13 -26.26
CA ALA C 138 16.71 7.38 -25.37
C ALA C 138 15.94 6.29 -24.67
N ILE C 139 16.59 5.13 -24.54
CA ILE C 139 16.11 4.06 -23.67
C ILE C 139 17.21 3.67 -22.72
N THR C 140 16.89 3.51 -21.44
CA THR C 140 17.78 2.79 -20.54
C THR C 140 17.10 1.53 -20.09
N HIS C 141 17.83 0.43 -20.05
CA HIS C 141 17.24 -0.85 -19.75
C HIS C 141 18.20 -1.68 -18.86
N TYR C 142 17.77 -1.91 -17.62
CA TYR C 142 18.55 -2.61 -16.63
C TYR C 142 18.14 -4.09 -16.58
N ASP C 143 19.09 -4.99 -16.63
CA ASP C 143 18.81 -6.42 -16.63
C ASP C 143 19.42 -7.07 -15.37
N SER C 144 18.58 -7.65 -14.52
CA SER C 144 19.05 -8.22 -13.27
C SER C 144 19.96 -9.45 -13.41
N ILE C 145 19.89 -10.21 -14.51
CA ILE C 145 20.88 -11.31 -14.71
C ILE C 145 22.29 -10.73 -15.03
N ASP C 146 22.37 -9.97 -16.13
CA ASP C 146 23.63 -9.33 -16.54
C ASP C 146 24.09 -8.35 -15.48
N ASP C 147 23.15 -7.71 -14.80
CA ASP C 147 23.43 -6.59 -13.90
C ASP C 147 24.08 -5.44 -14.63
N ARG C 148 23.52 -5.04 -15.76
CA ARG C 148 24.04 -3.86 -16.45
C ARG C 148 22.92 -2.90 -16.88
N PHE C 149 23.24 -1.63 -17.03
CA PHE C 149 22.29 -0.71 -17.61
C PHE C 149 22.61 -0.50 -19.08
N TYR C 150 21.76 -1.01 -19.95
CA TYR C 150 21.98 -0.89 -21.38
C TYR C 150 21.44 0.44 -21.87
N VAL C 151 22.30 1.40 -22.22
CA VAL C 151 21.83 2.69 -22.74
C VAL C 151 21.79 2.84 -24.28
N PHE C 152 20.60 3.12 -24.81
CA PHE C 152 20.38 3.32 -26.22
C PHE C 152 20.15 4.80 -26.40
N ASP C 153 21.06 5.48 -27.09
CA ASP C 153 21.03 6.92 -27.14
C ASP C 153 21.04 7.26 -28.62
N LEU C 154 20.12 8.14 -29.01
CA LEU C 154 19.96 8.55 -30.39
C LEU C 154 20.60 9.93 -30.61
N LEU C 155 21.67 9.98 -31.41
CA LEU C 155 22.42 11.22 -31.60
C LEU C 155 21.84 12.13 -32.64
N ASN C 156 20.93 11.60 -33.48
CA ASN C 156 20.33 12.38 -34.59
C ASN C 156 18.81 12.24 -34.73
N SER C 157 18.13 13.37 -34.72
CA SER C 157 16.66 13.41 -34.70
C SER C 157 16.16 14.76 -35.23
N PRO C 158 14.96 14.81 -35.79
CA PRO C 158 14.51 16.05 -36.41
C PRO C 158 14.43 17.13 -35.36
N TYR C 159 14.53 16.76 -34.09
CA TYR C 159 14.46 17.74 -33.00
C TYR C 159 15.84 18.14 -32.44
N GLY C 160 16.91 17.58 -33.00
CA GLY C 160 18.25 18.12 -32.85
C GLY C 160 19.36 17.08 -32.89
N ASN C 161 20.54 17.46 -33.38
CA ASN C 161 21.67 16.54 -33.44
C ASN C 161 22.58 16.82 -32.26
N VAL C 162 23.16 15.80 -31.68
CA VAL C 162 23.88 15.97 -30.43
C VAL C 162 25.17 15.16 -30.35
N GLU C 163 26.03 15.52 -29.40
CA GLU C 163 27.28 14.79 -29.20
C GLU C 163 26.97 13.52 -28.39
N GLU C 164 27.81 12.50 -28.57
CA GLU C 164 27.80 11.31 -27.72
C GLU C 164 27.87 11.78 -26.27
N TRP C 165 27.38 10.90 -25.41
CA TRP C 165 27.43 11.01 -23.97
C TRP C 165 28.78 10.55 -23.38
N SER C 166 29.28 11.36 -22.46
CA SER C 166 30.52 11.04 -21.80
C SER C 166 30.26 10.44 -20.42
N ILE C 167 30.65 9.18 -20.26
CA ILE C 167 30.61 8.53 -18.96
C ILE C 167 31.58 9.18 -17.98
N GLU C 168 32.62 9.85 -18.46
CA GLU C 168 33.58 10.45 -17.52
C GLU C 168 32.89 11.62 -16.88
N ILE C 169 32.27 12.47 -17.70
CA ILE C 169 31.55 13.67 -17.23
C ILE C 169 30.31 13.35 -16.37
N ALA C 170 29.62 12.26 -16.69
CA ALA C 170 28.49 11.83 -15.88
C ALA C 170 28.89 11.51 -14.42
N ALA C 171 30.06 10.92 -14.30
CA ALA C 171 30.59 10.52 -12.99
C ALA C 171 30.84 11.71 -12.07
N LYS C 172 31.37 12.78 -12.62
CA LYS C 172 31.76 13.92 -11.80
C LYS C 172 30.57 14.53 -11.02
N LEU C 173 30.86 15.11 -9.89
CA LEU C 173 29.90 15.92 -9.14
C LEU C 173 29.20 17.00 -10.00
N GLN C 174 27.97 17.40 -9.61
CA GLN C 174 27.30 18.61 -10.11
C GLN C 174 28.26 19.77 -10.02
N GLU C 175 28.91 19.83 -8.87
CA GLU C 175 29.82 20.91 -8.49
C GLU C 175 31.03 21.04 -9.42
N GLN C 176 31.34 19.98 -10.15
CA GLN C 176 32.46 19.95 -11.07
C GLN C 176 32.03 20.02 -12.56
N GLY C 177 30.73 20.22 -12.76
CA GLY C 177 30.16 20.41 -14.07
C GLY C 177 29.60 19.11 -14.65
N GLY C 178 29.25 18.20 -13.74
CA GLY C 178 28.91 16.84 -14.09
C GLY C 178 27.52 16.53 -13.62
N ASP C 179 27.17 15.25 -13.64
CA ASP C 179 25.81 14.83 -13.40
C ASP C 179 25.58 14.02 -12.11
N GLU C 180 26.63 13.64 -11.39
CA GLU C 180 26.49 12.93 -10.10
C GLU C 180 25.75 11.62 -10.30
N VAL C 181 26.15 10.86 -11.31
CA VAL C 181 25.62 9.53 -11.52
C VAL C 181 26.25 8.59 -10.49
N PRO C 182 25.45 7.99 -9.62
CA PRO C 182 26.02 7.17 -8.53
C PRO C 182 27.13 6.25 -8.98
N SER C 183 28.31 6.36 -8.37
CA SER C 183 29.47 5.61 -8.83
C SER C 183 29.41 4.06 -8.66
N GLU C 184 28.52 3.56 -7.80
CA GLU C 184 28.33 2.12 -7.69
C GLU C 184 27.67 1.56 -8.94
N ILE C 185 27.37 2.40 -9.92
CA ILE C 185 26.80 1.91 -11.18
C ILE C 185 27.53 2.35 -12.44
N ILE C 186 28.51 3.25 -12.32
CA ILE C 186 29.26 3.72 -13.48
C ILE C 186 29.85 2.55 -14.22
N ASP C 187 30.36 1.59 -13.44
CA ASP C 187 31.10 0.48 -14.01
C ASP C 187 30.17 -0.51 -14.68
N LYS C 188 28.85 -0.33 -14.52
CA LYS C 188 27.81 -1.24 -15.05
C LYS C 188 26.99 -0.70 -16.24
N ILE C 189 27.33 0.46 -16.77
CA ILE C 189 26.59 1.05 -17.88
C ILE C 189 27.20 0.64 -19.18
N ILE C 190 26.45 0.01 -20.08
CA ILE C 190 26.89 -0.26 -21.45
C ILE C 190 26.21 0.76 -22.33
N TYR C 191 26.99 1.59 -23.03
CA TYR C 191 26.47 2.69 -23.81
C TYR C 191 26.56 2.42 -25.32
N MET C 192 25.49 2.77 -26.02
CA MET C 192 25.28 2.47 -27.43
C MET C 192 24.62 3.70 -28.07
N PRO C 193 25.43 4.56 -28.72
CA PRO C 193 24.92 5.64 -29.57
C PRO C 193 24.40 5.15 -30.92
N PHE C 194 23.63 5.99 -31.62
CA PHE C 194 22.98 5.57 -32.85
C PHE C 194 22.81 6.68 -33.88
N ASP C 195 23.36 6.42 -35.09
CA ASP C 195 23.02 7.05 -36.39
C ASP C 195 21.65 7.75 -36.34
N ASN C 196 20.60 6.94 -36.13
CA ASN C 196 19.20 7.25 -36.43
C ASN C 196 18.20 6.30 -35.73
N GLU C 197 16.98 6.77 -35.51
CA GLU C 197 15.99 6.04 -34.71
C GLU C 197 15.76 4.58 -35.12
N LYS C 198 15.44 4.33 -36.40
CA LYS C 198 15.28 2.98 -36.97
C LYS C 198 16.36 2.03 -36.49
N GLU C 199 17.61 2.44 -36.67
CA GLU C 199 18.79 1.62 -36.36
C GLU C 199 18.80 1.31 -34.86
N LEU C 200 18.51 2.31 -34.03
CA LEU C 200 18.38 2.14 -32.56
C LEU C 200 17.28 1.18 -32.12
N LEU C 201 16.08 1.32 -32.68
CA LEU C 201 14.97 0.41 -32.37
C LEU C 201 15.26 -1.02 -32.76
N MET C 202 15.84 -1.22 -33.96
CA MET C 202 16.04 -2.56 -34.50
C MET C 202 17.04 -3.27 -33.60
N GLU C 203 17.98 -2.49 -33.10
CA GLU C 203 19.00 -2.98 -32.21
C GLU C 203 18.42 -3.28 -30.83
N TYR C 204 17.52 -2.42 -30.35
CA TYR C 204 16.76 -2.68 -29.12
C TYR C 204 15.85 -3.93 -29.21
N LEU C 205 15.19 -4.16 -30.35
CA LEU C 205 14.40 -5.37 -30.51
C LEU C 205 15.27 -6.61 -30.52
N ASN C 206 16.46 -6.51 -31.11
CA ASN C 206 17.37 -7.66 -31.16
C ASN C 206 17.92 -7.93 -29.78
N PHE C 207 18.09 -6.86 -29.02
CA PHE C 207 18.60 -6.95 -27.66
C PHE C 207 17.57 -7.65 -26.75
N TRP C 208 16.29 -7.34 -26.99
CA TRP C 208 15.18 -7.92 -26.25
C TRP C 208 14.96 -9.41 -26.56
N GLN C 209 15.26 -9.86 -27.77
CA GLN C 209 15.10 -11.27 -28.07
C GLN C 209 16.14 -12.04 -27.26
N GLN C 210 17.37 -11.52 -27.24
CA GLN C 210 18.45 -12.19 -26.53
C GLN C 210 18.23 -12.13 -25.03
N LYS C 211 17.63 -11.05 -24.52
CA LYS C 211 17.47 -10.88 -23.08
C LYS C 211 16.03 -10.58 -22.75
N THR C 212 15.11 -11.46 -23.15
CA THR C 212 13.70 -11.18 -23.04
C THR C 212 13.35 -11.23 -21.59
N PRO C 213 12.77 -10.13 -21.07
CA PRO C 213 12.31 -10.00 -19.70
C PRO C 213 11.23 -10.98 -19.34
N VAL C 214 11.21 -11.37 -18.06
CA VAL C 214 10.18 -12.22 -17.48
C VAL C 214 9.26 -11.36 -16.67
N ILE C 215 9.83 -10.65 -15.70
CA ILE C 215 9.18 -9.54 -15.00
C ILE C 215 9.63 -8.21 -15.61
N LEU C 216 8.72 -7.37 -16.05
CA LEU C 216 9.10 -6.09 -16.65
C LEU C 216 8.54 -4.96 -15.80
N THR C 217 9.38 -4.03 -15.41
CA THR C 217 8.95 -2.98 -14.49
C THR C 217 9.58 -1.62 -14.76
N GLY C 218 9.50 -0.73 -13.81
CA GLY C 218 9.88 0.65 -14.01
C GLY C 218 8.72 1.55 -13.65
N TRP C 219 8.87 2.84 -13.89
CA TRP C 219 7.90 3.79 -13.40
C TRP C 219 6.91 4.19 -14.47
N ASN C 220 5.70 3.70 -14.36
CA ASN C 220 4.65 4.19 -15.19
C ASN C 220 4.80 3.63 -16.57
N VAL C 221 5.16 2.38 -16.56
CA VAL C 221 5.69 1.70 -17.72
C VAL C 221 4.53 1.05 -18.47
N GLU C 222 3.40 0.88 -17.80
CA GLU C 222 2.23 0.32 -18.47
C GLU C 222 1.45 1.36 -19.27
N SER C 223 1.46 2.58 -18.78
CA SER C 223 0.60 3.57 -19.36
C SER C 223 1.38 4.48 -20.29
N PHE C 224 2.71 4.50 -20.13
CA PHE C 224 3.62 5.19 -21.06
C PHE C 224 4.67 4.33 -21.79
N ALA C 225 5.77 3.98 -21.17
CA ALA C 225 6.90 3.44 -21.92
C ALA C 225 6.52 2.27 -22.88
N ILE C 226 5.92 1.21 -22.33
CA ILE C 226 5.60 0.00 -23.08
C ILE C 226 4.73 0.34 -24.28
N PRO C 227 3.53 0.89 -24.08
CA PRO C 227 2.69 1.23 -25.22
C PRO C 227 3.33 2.25 -26.17
N TYR C 228 4.23 3.08 -25.69
CA TYR C 228 4.82 4.04 -26.61
C TYR C 228 5.79 3.30 -27.48
N VAL C 229 6.64 2.45 -26.90
CA VAL C 229 7.59 1.74 -27.76
C VAL C 229 6.90 0.70 -28.63
N TYR C 230 5.75 0.18 -28.20
CA TYR C 230 4.99 -0.73 -29.03
C TYR C 230 4.48 -0.01 -30.24
N ASN C 231 3.54 0.90 -30.03
CA ASN C 231 2.98 1.75 -31.08
C ASN C 231 4.00 2.47 -32.01
N ARG C 232 5.17 2.79 -31.45
CA ARG C 232 6.23 3.40 -32.24
C ARG C 232 6.84 2.46 -33.27
N ILE C 233 7.24 1.28 -32.84
CA ILE C 233 7.75 0.27 -33.74
C ILE C 233 6.63 -0.15 -34.66
N LYS C 234 5.39 -0.13 -34.19
CA LYS C 234 4.31 -0.54 -35.04
C LYS C 234 4.11 0.46 -36.20
N ASN C 235 4.38 1.73 -35.96
CA ASN C 235 4.12 2.76 -36.95
C ASN C 235 5.24 2.83 -37.97
N ILE C 236 6.40 2.38 -37.56
CA ILE C 236 7.59 2.51 -38.37
C ILE C 236 7.98 1.23 -39.08
N PHE C 237 7.77 0.06 -38.49
CA PHE C 237 8.18 -1.23 -39.06
C PHE C 237 7.01 -2.18 -39.30
N GLY C 238 5.87 -1.90 -38.68
CA GLY C 238 4.68 -2.72 -38.85
C GLY C 238 4.35 -3.60 -37.66
N GLU C 239 3.10 -4.04 -37.54
CA GLU C 239 2.69 -4.95 -36.48
C GLU C 239 3.63 -6.14 -36.32
N SER C 240 3.91 -6.84 -37.39
CA SER C 240 4.71 -8.05 -37.31
C SER C 240 5.99 -7.87 -36.50
N THR C 241 6.70 -6.79 -36.80
CA THR C 241 7.97 -6.49 -36.17
C THR C 241 7.66 -6.11 -34.72
N ALA C 242 6.60 -5.32 -34.50
CA ALA C 242 6.10 -4.95 -33.17
C ALA C 242 5.80 -6.13 -32.26
N LYS C 243 5.18 -7.16 -32.83
CA LYS C 243 4.82 -8.31 -32.04
C LYS C 243 6.08 -8.99 -31.46
N ARG C 244 7.27 -8.57 -31.89
CA ARG C 244 8.54 -9.11 -31.33
C ARG C 244 8.71 -8.88 -29.82
N LEU C 245 8.11 -7.80 -29.32
CA LEU C 245 8.13 -7.53 -27.91
C LEU C 245 7.53 -8.67 -27.08
N SER C 246 6.77 -9.55 -27.73
CA SER C 246 6.29 -10.81 -27.15
C SER C 246 7.21 -12.00 -27.54
N PRO C 247 7.69 -12.78 -26.57
CA PRO C 247 8.41 -14.03 -26.88
C PRO C 247 7.52 -15.05 -27.60
N HIS C 248 6.21 -14.87 -27.51
CA HIS C 248 5.26 -15.72 -28.18
C HIS C 248 4.64 -15.08 -29.40
N ARG C 249 4.91 -13.82 -29.66
CA ARG C 249 4.38 -13.15 -30.84
C ARG C 249 2.89 -12.82 -30.77
N LYS C 250 2.36 -12.76 -29.56
CA LYS C 250 0.99 -12.33 -29.39
C LYS C 250 0.92 -11.13 -28.47
N THR C 251 0.27 -10.10 -28.94
CA THR C 251 -0.07 -8.99 -28.07
C THR C 251 -1.57 -8.82 -28.14
N ARG C 252 -2.10 -8.08 -27.17
CA ARG C 252 -3.46 -7.57 -27.29
C ARG C 252 -3.46 -6.06 -27.07
N VAL C 253 -4.26 -5.38 -27.88
CA VAL C 253 -4.54 -3.96 -27.72
C VAL C 253 -6.02 -3.80 -27.39
N LYS C 254 -6.33 -3.53 -26.13
CA LYS C 254 -7.73 -3.24 -25.74
C LYS C 254 -7.87 -1.70 -25.62
N VAL C 255 -8.96 -1.16 -26.20
CA VAL C 255 -9.03 0.27 -26.54
C VAL C 255 -9.38 1.29 -25.43
N ILE C 256 -10.41 1.07 -24.59
CA ILE C 256 -10.68 1.95 -23.38
C ILE C 256 -10.19 3.43 -23.56
N GLU C 257 -11.08 4.24 -24.13
CA GLU C 257 -10.73 5.42 -24.92
C GLU C 257 -11.22 6.76 -24.32
N ASN C 258 -10.92 7.00 -23.04
CA ASN C 258 -11.24 8.26 -22.34
C ASN C 258 -12.59 8.88 -22.74
N MET C 259 -12.95 9.99 -22.09
CA MET C 259 -14.15 10.76 -22.45
C MET C 259 -13.97 11.53 -23.76
N TYR C 260 -12.69 11.78 -24.08
CA TYR C 260 -12.17 12.00 -25.45
C TYR C 260 -10.61 11.95 -25.50
N GLY C 261 -10.07 10.79 -25.90
CA GLY C 261 -8.64 10.63 -26.12
C GLY C 261 -8.35 9.43 -27.02
N SER C 262 -7.40 8.59 -26.62
CA SER C 262 -7.21 7.26 -27.23
C SER C 262 -6.25 6.40 -26.39
N ARG C 263 -6.46 6.37 -25.06
CA ARG C 263 -5.63 5.57 -24.14
C ARG C 263 -6.02 4.07 -24.26
N GLU C 264 -5.09 3.27 -24.77
CA GLU C 264 -5.22 1.80 -24.76
C GLU C 264 -4.22 1.18 -23.77
N ILE C 265 -4.57 0.04 -23.18
CA ILE C 265 -3.53 -0.80 -22.55
C ILE C 265 -3.08 -1.90 -23.49
N ILE C 266 -1.77 -2.13 -23.45
CA ILE C 266 -1.16 -3.11 -24.31
C ILE C 266 -0.66 -4.24 -23.44
N THR C 267 -1.00 -5.46 -23.82
CA THR C 267 -0.60 -6.66 -23.12
C THR C 267 0.36 -7.45 -24.00
N LEU C 268 1.46 -7.90 -23.43
CA LEU C 268 2.43 -8.63 -24.20
C LEU C 268 2.41 -10.05 -23.70
N PHE C 269 1.89 -10.96 -24.49
CA PHE C 269 1.84 -12.35 -24.04
C PHE C 269 3.24 -12.84 -23.70
N GLY C 270 3.34 -13.41 -22.51
CA GLY C 270 4.52 -14.15 -22.09
C GLY C 270 5.49 -13.31 -21.31
N ILE C 271 5.01 -12.15 -20.85
CA ILE C 271 5.77 -11.22 -20.01
C ILE C 271 4.88 -10.81 -18.83
N SER C 272 5.43 -10.67 -17.64
CA SER C 272 4.60 -10.30 -16.52
C SER C 272 4.96 -8.85 -16.23
N VAL C 273 4.12 -7.90 -16.63
CA VAL C 273 4.40 -6.51 -16.31
C VAL C 273 3.99 -6.11 -14.90
N LEU C 274 4.95 -5.71 -14.08
CA LEU C 274 4.64 -5.17 -12.75
C LEU C 274 5.09 -3.76 -12.72
N ASP C 275 4.16 -2.88 -13.08
CA ASP C 275 4.43 -1.46 -13.10
C ASP C 275 4.74 -1.08 -11.67
N TYR C 276 5.90 -0.48 -11.43
CA TYR C 276 6.25 -0.18 -10.04
C TYR C 276 5.23 0.78 -9.47
N ILE C 277 4.70 1.70 -10.25
CA ILE C 277 3.75 2.65 -9.66
C ILE C 277 2.51 1.96 -9.07
N ASP C 278 2.08 0.86 -9.69
CA ASP C 278 0.91 0.14 -9.25
C ASP C 278 1.28 -0.67 -8.01
N LEU C 279 2.46 -1.28 -8.03
CA LEU C 279 3.03 -1.91 -6.86
C LEU C 279 3.09 -0.92 -5.69
N TYR C 280 3.55 0.28 -5.93
CA TYR C 280 3.66 1.29 -4.86
C TYR C 280 2.31 1.73 -4.25
N LYS C 281 1.33 2.03 -5.09
CA LYS C 281 -0.03 2.33 -4.65
C LYS C 281 -0.68 1.22 -3.83
N LYS C 282 -0.41 -0.03 -4.15
CA LYS C 282 -1.06 -1.15 -3.51
C LYS C 282 -0.37 -1.53 -2.22
N PHE C 283 0.97 -1.59 -2.25
CA PHE C 283 1.73 -2.17 -1.13
C PHE C 283 2.49 -1.26 -0.16
N SER C 284 2.42 0.03 -0.38
CA SER C 284 3.26 0.93 0.39
C SER C 284 2.52 1.59 1.53
N PHE C 285 1.20 1.49 1.56
CA PHE C 285 0.34 2.14 2.58
C PHE C 285 0.66 3.62 2.78
N THR C 286 0.79 4.32 1.65
CA THR C 286 0.91 5.77 1.59
C THR C 286 -0.14 6.39 0.71
N ASN C 287 -0.34 7.69 0.83
CA ASN C 287 -1.14 8.43 -0.11
C ASN C 287 -0.47 9.77 -0.36
N GLN C 288 0.07 9.89 -1.56
CA GLN C 288 1.07 10.90 -1.83
C GLN C 288 0.47 12.05 -2.61
N PRO C 289 0.95 13.25 -2.42
CA PRO C 289 0.41 14.39 -3.14
C PRO C 289 0.74 14.37 -4.63
N SER C 290 1.78 13.61 -5.01
CA SER C 290 2.15 13.39 -6.39
C SER C 290 2.87 12.06 -6.54
N TYR C 291 2.69 11.46 -7.71
CA TYR C 291 3.33 10.18 -8.02
C TYR C 291 4.30 10.30 -9.21
N SER C 292 5.11 11.38 -9.24
CA SER C 292 6.26 11.47 -10.15
C SER C 292 7.45 10.84 -9.49
N LEU C 293 8.35 10.29 -10.28
CA LEU C 293 9.48 9.60 -9.72
C LEU C 293 10.35 10.53 -8.86
N ASP C 294 10.70 11.71 -9.36
CA ASP C 294 11.33 12.74 -8.55
C ASP C 294 10.72 12.71 -7.20
N TYR C 295 9.39 12.85 -7.13
CA TYR C 295 8.76 13.13 -5.84
C TYR C 295 8.93 11.99 -4.85
N ILE C 296 8.73 10.79 -5.36
CA ILE C 296 8.61 9.60 -4.55
C ILE C 296 10.00 9.19 -4.18
N SER C 297 10.91 9.43 -5.08
CA SER C 297 12.31 9.16 -4.85
C SER C 297 12.72 9.94 -3.64
N GLU C 298 12.41 11.25 -3.62
CA GLU C 298 12.94 12.12 -2.56
C GLU C 298 12.30 11.74 -1.25
N PHE C 299 11.07 11.23 -1.29
CA PHE C 299 10.38 10.77 -0.10
C PHE C 299 11.03 9.49 0.41
N GLU C 300 11.15 8.46 -0.43
CA GLU C 300 11.65 7.17 0.00
C GLU C 300 13.13 7.15 0.29
N LEU C 301 13.92 7.89 -0.47
CA LEU C 301 15.38 7.86 -0.43
C LEU C 301 16.07 9.13 0.08
N ASN C 302 15.33 10.23 0.18
CA ASN C 302 15.91 11.47 0.69
C ASN C 302 17.00 12.03 -0.22
N VAL C 303 16.96 11.68 -1.51
CA VAL C 303 17.88 12.26 -2.49
C VAL C 303 17.28 13.52 -3.09
N GLY C 304 18.10 14.28 -3.81
CA GLY C 304 17.67 15.58 -4.28
C GLY C 304 16.72 15.57 -5.47
N LYS C 305 16.11 16.74 -5.69
CA LYS C 305 15.15 16.95 -6.77
C LYS C 305 15.69 16.49 -8.13
N LEU C 306 16.94 16.82 -8.46
CA LEU C 306 17.50 16.42 -9.76
C LEU C 306 17.24 17.57 -10.74
N LYS C 307 17.99 18.65 -10.53
CA LYS C 307 17.67 19.93 -11.15
C LYS C 307 18.04 20.11 -12.62
N TYR C 308 17.55 21.19 -13.21
CA TYR C 308 17.99 21.62 -14.54
C TYR C 308 17.34 22.91 -15.01
N ASP C 309 17.94 23.52 -16.01
CA ASP C 309 17.43 24.77 -16.51
C ASP C 309 16.70 24.57 -17.83
N GLY C 310 15.75 25.47 -18.12
CA GLY C 310 14.83 25.26 -19.23
C GLY C 310 13.83 24.13 -18.93
N PRO C 311 12.81 24.04 -19.77
CA PRO C 311 11.73 23.07 -19.54
C PRO C 311 12.19 21.72 -20.06
N ILE C 312 11.73 20.61 -19.51
CA ILE C 312 12.18 19.30 -20.01
C ILE C 312 12.11 19.18 -21.54
N SER C 313 11.12 19.83 -22.15
CA SER C 313 10.88 19.67 -23.58
C SER C 313 12.07 20.09 -24.46
N LYS C 314 12.81 21.13 -24.05
CA LYS C 314 14.01 21.59 -24.79
C LYS C 314 15.37 21.13 -24.16
N LEU C 315 15.30 20.26 -23.14
CA LEU C 315 16.45 19.68 -22.48
C LEU C 315 17.43 18.90 -23.33
N ARG C 316 16.98 17.98 -24.18
CA ARG C 316 17.94 17.26 -24.99
C ARG C 316 18.71 18.17 -25.95
N GLU C 317 18.16 19.32 -26.35
CA GLU C 317 18.89 20.17 -27.31
C GLU C 317 19.89 21.01 -26.53
N SER C 318 19.57 21.34 -25.28
CA SER C 318 20.39 22.26 -24.51
C SER C 318 21.50 21.57 -23.69
N ASN C 319 21.20 20.44 -23.10
CA ASN C 319 22.15 19.72 -22.28
C ASN C 319 22.00 18.22 -22.44
N HIS C 320 22.19 17.73 -23.66
CA HIS C 320 22.01 16.30 -23.91
C HIS C 320 22.81 15.40 -22.94
N GLN C 321 23.93 15.88 -22.42
CA GLN C 321 24.76 15.10 -21.46
C GLN C 321 23.94 14.76 -20.20
N ARG C 322 23.15 15.70 -19.77
CA ARG C 322 22.34 15.51 -18.60
C ARG C 322 21.07 14.69 -18.88
N TYR C 323 20.46 14.93 -20.04
CA TYR C 323 19.26 14.24 -20.47
C TYR C 323 19.42 12.75 -20.30
N ILE C 324 20.56 12.25 -20.77
CA ILE C 324 20.87 10.84 -20.67
C ILE C 324 21.28 10.42 -19.27
N SER C 325 22.14 11.18 -18.61
CA SER C 325 22.46 10.86 -17.21
C SER C 325 21.14 10.70 -16.44
N TYR C 326 20.21 11.65 -16.61
CA TYR C 326 18.91 11.60 -15.93
C TYR C 326 18.06 10.40 -16.25
N ASN C 327 18.06 9.97 -17.50
CA ASN C 327 17.38 8.74 -17.85
C ASN C 327 17.95 7.51 -17.11
N ILE C 328 19.27 7.49 -16.97
CA ILE C 328 19.94 6.39 -16.29
C ILE C 328 19.63 6.45 -14.81
N ILE C 329 19.66 7.64 -14.23
CA ILE C 329 19.39 7.76 -12.80
C ILE C 329 17.98 7.36 -12.46
N ALA C 330 17.04 7.68 -13.34
CA ALA C 330 15.64 7.32 -13.14
C ALA C 330 15.45 5.81 -13.02
N VAL C 331 16.11 5.05 -13.89
CA VAL C 331 15.98 3.64 -13.84
C VAL C 331 16.56 3.16 -12.53
N TYR C 332 17.68 3.73 -12.11
CA TYR C 332 18.38 3.22 -10.92
C TYR C 332 17.56 3.58 -9.73
N ARG C 333 17.04 4.80 -9.73
CA ARG C 333 16.08 5.20 -8.71
C ARG C 333 14.97 4.18 -8.35
N VAL C 334 14.35 3.58 -9.36
CA VAL C 334 13.35 2.54 -9.11
C VAL C 334 14.00 1.33 -8.45
N LEU C 335 15.21 0.97 -8.85
CA LEU C 335 15.97 -0.11 -8.20
C LEU C 335 16.27 0.17 -6.73
N GLN C 336 16.65 1.41 -6.44
CA GLN C 336 16.97 1.85 -5.11
C GLN C 336 15.72 1.73 -4.27
N ILE C 337 14.58 2.09 -4.84
CA ILE C 337 13.29 2.07 -4.14
C ILE C 337 12.85 0.65 -3.91
N ASP C 338 13.10 -0.23 -4.88
CA ASP C 338 12.75 -1.63 -4.71
C ASP C 338 13.65 -2.34 -3.76
N ALA C 339 14.86 -1.84 -3.58
CA ALA C 339 15.80 -2.45 -2.64
C ALA C 339 15.36 -2.13 -1.19
N LYS C 340 14.62 -1.04 -1.04
CA LYS C 340 14.12 -0.63 0.27
C LYS C 340 12.83 -1.36 0.56
N ARG C 341 11.87 -1.26 -0.36
CA ARG C 341 10.47 -1.68 -0.12
C ARG C 341 10.23 -3.16 -0.38
N GLN C 342 10.96 -3.68 -1.38
CA GLN C 342 11.00 -5.10 -1.74
C GLN C 342 9.64 -5.62 -2.19
N PHE C 343 9.03 -4.92 -3.13
CA PHE C 343 7.72 -5.28 -3.63
C PHE C 343 7.84 -6.38 -4.71
N ILE C 344 8.89 -6.35 -5.53
CA ILE C 344 9.15 -7.45 -6.48
C ILE C 344 9.26 -8.86 -5.79
N ASN C 345 10.20 -8.98 -4.89
CA ASN C 345 10.25 -10.06 -3.93
C ASN C 345 8.93 -10.47 -3.29
N LEU C 346 8.16 -9.49 -2.79
CA LEU C 346 6.82 -9.74 -2.26
C LEU C 346 6.02 -10.51 -3.31
N SER C 347 5.94 -9.91 -4.49
CA SER C 347 5.16 -10.39 -5.61
C SER C 347 5.54 -11.76 -6.06
N LEU C 348 6.83 -12.03 -6.16
CA LEU C 348 7.32 -13.39 -6.45
C LEU C 348 6.84 -14.42 -5.43
N ASP C 349 7.08 -14.12 -4.15
CA ASP C 349 6.70 -14.97 -3.01
C ASP C 349 5.22 -15.31 -3.07
N MET C 350 4.44 -14.27 -3.17
CA MET C 350 3.02 -14.39 -3.11
C MET C 350 2.56 -15.17 -4.31
N GLY C 351 3.18 -14.88 -5.45
CA GLY C 351 2.73 -15.40 -6.72
C GLY C 351 3.03 -16.87 -6.83
N TYR C 352 4.28 -17.26 -6.61
CA TYR C 352 4.61 -18.67 -6.58
C TYR C 352 3.92 -19.46 -5.48
N TYR C 353 3.49 -18.82 -4.40
CA TYR C 353 2.73 -19.50 -3.33
C TYR C 353 1.36 -19.94 -3.86
N ALA C 354 0.65 -19.03 -4.49
CA ALA C 354 -0.63 -19.38 -5.07
C ALA C 354 -0.58 -20.18 -6.35
N LYS C 355 0.56 -20.17 -7.04
CA LYS C 355 0.61 -20.72 -8.40
C LYS C 355 -0.32 -19.94 -9.33
N ILE C 356 0.10 -18.70 -9.62
CA ILE C 356 -0.56 -17.81 -10.57
C ILE C 356 0.47 -17.11 -11.36
N GLN C 357 0.04 -16.50 -12.46
CA GLN C 357 0.81 -15.46 -13.14
C GLN C 357 1.23 -14.40 -12.06
N ILE C 358 2.42 -13.78 -12.16
CA ILE C 358 2.88 -12.88 -11.10
C ILE C 358 2.07 -11.57 -11.13
N GLN C 359 1.61 -11.16 -12.29
CA GLN C 359 0.87 -9.91 -12.41
C GLN C 359 -0.51 -10.06 -11.77
N SER C 360 -0.83 -11.27 -11.28
CA SER C 360 -2.08 -11.52 -10.59
C SER C 360 -2.01 -11.33 -9.11
N VAL C 361 -0.83 -10.98 -8.63
CA VAL C 361 -0.72 -10.38 -7.30
C VAL C 361 -1.38 -9.01 -7.14
N PHE C 362 -2.00 -8.43 -8.17
CA PHE C 362 -2.79 -7.21 -7.98
C PHE C 362 -4.20 -7.61 -7.65
N SER C 363 -4.51 -8.90 -7.65
CA SER C 363 -5.89 -9.33 -7.50
C SER C 363 -5.91 -10.33 -6.37
N PRO C 364 -6.41 -9.91 -5.24
CA PRO C 364 -6.64 -10.83 -4.13
C PRO C 364 -7.55 -11.98 -4.52
N ILE C 365 -8.48 -11.73 -5.44
CA ILE C 365 -9.53 -12.67 -5.76
C ILE C 365 -8.90 -13.78 -6.60
N LYS C 366 -8.06 -13.41 -7.57
CA LYS C 366 -7.28 -14.41 -8.30
C LYS C 366 -6.39 -15.21 -7.40
N THR C 367 -5.79 -14.48 -6.48
CA THR C 367 -4.80 -15.01 -5.60
C THR C 367 -5.41 -16.07 -4.71
N TRP C 368 -6.62 -15.84 -4.24
CA TRP C 368 -7.22 -16.82 -3.32
C TRP C 368 -7.96 -17.94 -4.05
N ASP C 369 -8.61 -17.60 -5.17
CA ASP C 369 -9.20 -18.62 -6.01
C ASP C 369 -8.20 -19.75 -6.25
N ALA C 370 -6.95 -19.36 -6.49
CA ALA C 370 -5.92 -20.30 -6.84
C ALA C 370 -5.39 -21.04 -5.62
N ILE C 371 -5.12 -20.35 -4.52
CA ILE C 371 -4.69 -21.02 -3.30
C ILE C 371 -5.75 -22.01 -2.93
N ILE C 372 -6.99 -21.56 -2.86
CA ILE C 372 -8.05 -22.42 -2.40
C ILE C 372 -8.13 -23.67 -3.27
N PHE C 373 -7.96 -23.49 -4.57
CA PHE C 373 -8.17 -24.55 -5.53
C PHE C 373 -7.05 -25.54 -5.43
N ASN C 374 -5.84 -25.04 -5.29
CA ASN C 374 -4.72 -25.95 -5.04
C ASN C 374 -4.97 -26.80 -3.78
N SER C 375 -5.55 -26.19 -2.74
CA SER C 375 -5.75 -26.84 -1.44
C SER C 375 -6.80 -27.96 -1.54
N LEU C 376 -7.69 -27.84 -2.54
CA LEU C 376 -8.79 -28.78 -2.78
C LEU C 376 -8.48 -29.85 -3.81
N LYS C 377 -7.72 -29.53 -4.85
CA LYS C 377 -7.11 -30.55 -5.70
C LYS C 377 -6.61 -31.61 -4.75
N GLU C 378 -5.73 -31.20 -3.85
CA GLU C 378 -5.10 -32.10 -2.90
C GLU C 378 -5.99 -33.21 -2.36
N GLN C 379 -7.20 -32.89 -1.93
CA GLN C 379 -8.08 -33.91 -1.38
C GLN C 379 -9.11 -34.44 -2.40
N ASN C 380 -8.77 -34.35 -3.69
CA ASN C 380 -9.65 -34.76 -4.77
C ASN C 380 -11.02 -34.08 -4.74
N LYS C 381 -11.07 -32.83 -4.28
CA LYS C 381 -12.35 -32.14 -4.29
C LYS C 381 -12.50 -31.32 -5.57
N VAL C 382 -13.75 -30.99 -5.90
CA VAL C 382 -14.07 -30.17 -7.07
C VAL C 382 -14.72 -28.84 -6.62
N ILE C 383 -14.24 -27.73 -7.20
CA ILE C 383 -14.67 -26.38 -6.81
C ILE C 383 -15.95 -25.98 -7.50
N PRO C 384 -16.70 -25.02 -6.95
CA PRO C 384 -17.96 -24.60 -7.57
C PRO C 384 -17.85 -23.81 -8.87
N GLN C 385 -18.93 -23.78 -9.62
CA GLN C 385 -18.98 -22.87 -10.73
C GLN C 385 -19.25 -21.51 -10.11
N GLY C 386 -18.63 -20.49 -10.69
CA GLY C 386 -18.80 -19.11 -10.26
C GLY C 386 -20.15 -18.65 -10.75
N ARG C 387 -20.85 -17.88 -9.93
CA ARG C 387 -22.20 -17.44 -10.26
C ARG C 387 -22.31 -15.93 -10.29
N SER C 388 -23.20 -15.44 -11.16
CA SER C 388 -23.59 -14.05 -11.17
C SER C 388 -24.37 -13.74 -9.91
N HIS C 389 -24.10 -12.59 -9.35
CA HIS C 389 -24.83 -12.12 -8.20
C HIS C 389 -25.07 -10.63 -8.27
N PRO C 390 -26.12 -10.14 -7.65
CA PRO C 390 -26.31 -8.70 -7.62
C PRO C 390 -25.55 -8.14 -6.40
N VAL C 391 -25.00 -6.94 -6.59
CA VAL C 391 -24.29 -6.20 -5.52
C VAL C 391 -25.24 -5.72 -4.41
N GLN C 392 -24.72 -5.64 -3.19
CA GLN C 392 -25.55 -5.48 -2.01
C GLN C 392 -24.81 -4.90 -0.82
N PRO C 393 -25.26 -3.79 -0.27
CA PRO C 393 -24.62 -3.28 0.93
C PRO C 393 -24.76 -4.30 2.03
N TYR C 394 -23.90 -4.18 3.04
CA TYR C 394 -23.94 -5.02 4.20
C TYR C 394 -23.06 -4.40 5.24
N PRO C 395 -23.26 -4.70 6.53
CA PRO C 395 -22.64 -3.95 7.62
C PRO C 395 -21.28 -4.40 8.00
N GLY C 396 -20.54 -3.47 8.58
CA GLY C 396 -19.17 -3.74 8.98
C GLY C 396 -18.94 -3.48 10.45
N ALA C 397 -17.79 -2.91 10.73
CA ALA C 397 -17.34 -2.62 12.07
C ALA C 397 -18.22 -1.66 12.86
N PHE C 398 -18.12 -1.78 14.16
CA PHE C 398 -18.70 -0.86 15.09
C PHE C 398 -17.71 0.21 15.44
N VAL C 399 -18.17 1.42 15.72
CA VAL C 399 -17.25 2.46 16.14
C VAL C 399 -17.86 3.28 17.26
N LYS C 400 -17.24 3.26 18.43
CA LYS C 400 -17.81 3.98 19.57
C LYS C 400 -17.74 5.50 19.37
N GLU C 401 -18.83 6.20 19.65
CA GLU C 401 -18.85 7.66 19.72
C GLU C 401 -18.15 8.18 21.00
N PRO C 402 -17.06 8.92 20.82
CA PRO C 402 -16.27 9.40 21.96
C PRO C 402 -16.76 10.75 22.38
N ILE C 403 -16.62 11.08 23.66
CA ILE C 403 -16.89 12.42 24.11
C ILE C 403 -15.71 13.31 23.80
N PRO C 404 -15.93 14.31 22.95
CA PRO C 404 -14.84 15.20 22.60
C PRO C 404 -14.30 15.77 23.93
N ASN C 405 -13.00 15.54 24.16
CA ASN C 405 -12.28 16.07 25.31
C ASN C 405 -10.79 15.75 25.23
N ARG C 406 -10.02 16.20 26.22
CA ARG C 406 -8.62 15.80 26.39
C ARG C 406 -8.60 14.55 27.23
N TYR C 407 -7.50 13.83 27.17
CA TYR C 407 -7.37 12.59 27.92
C TYR C 407 -5.89 12.45 28.32
N LYS C 408 -5.58 12.92 29.54
CA LYS C 408 -4.23 12.89 30.10
C LYS C 408 -3.55 11.52 29.96
N TYR C 409 -4.15 10.45 30.43
CA TYR C 409 -3.48 9.15 30.43
C TYR C 409 -4.32 8.15 29.68
N VAL C 410 -3.76 7.57 28.63
CA VAL C 410 -4.50 6.62 27.80
C VAL C 410 -3.63 5.41 27.61
N MET C 411 -4.26 4.28 27.34
CA MET C 411 -3.57 3.01 27.15
C MET C 411 -4.49 2.17 26.25
N SER C 412 -3.95 1.67 25.15
CA SER C 412 -4.80 1.05 24.16
C SER C 412 -4.56 -0.43 24.14
N PHE C 413 -5.49 -1.15 23.54
CA PHE C 413 -5.36 -2.60 23.38
C PHE C 413 -6.03 -2.98 22.11
N ASP C 414 -5.45 -3.94 21.40
CA ASP C 414 -6.10 -4.34 20.15
C ASP C 414 -6.00 -5.82 19.93
N LEU C 415 -6.96 -6.34 19.20
CA LEU C 415 -7.02 -7.74 18.85
C LEU C 415 -6.07 -8.06 17.69
N THR C 416 -5.47 -9.26 17.75
CA THR C 416 -4.54 -9.72 16.73
C THR C 416 -5.29 -10.19 15.45
N SER C 417 -4.99 -9.56 14.32
CA SER C 417 -5.50 -9.99 13.04
C SER C 417 -6.97 -10.39 13.12
N LEU C 418 -7.77 -9.46 13.64
CA LEU C 418 -9.17 -9.69 13.98
C LEU C 418 -9.98 -10.58 13.07
N TYR C 419 -10.30 -10.11 11.86
CA TYR C 419 -11.20 -10.84 10.99
C TYR C 419 -10.63 -12.20 10.62
N PRO C 420 -9.38 -12.29 10.23
CA PRO C 420 -8.73 -13.61 10.11
C PRO C 420 -8.90 -14.49 11.33
N SER C 421 -8.82 -13.90 12.51
CA SER C 421 -8.95 -14.69 13.72
C SER C 421 -10.39 -15.17 13.85
N ILE C 422 -11.34 -14.32 13.49
CA ILE C 422 -12.76 -14.61 13.66
C ILE C 422 -13.10 -15.81 12.81
N ILE C 423 -12.61 -15.77 11.56
CA ILE C 423 -12.78 -16.88 10.64
C ILE C 423 -12.23 -18.14 11.28
N ARG C 424 -11.03 -18.05 11.85
CA ARG C 424 -10.42 -19.22 12.46
C ARG C 424 -11.21 -19.70 13.67
N GLN C 425 -11.55 -18.78 14.56
CA GLN C 425 -12.22 -19.13 15.80
C GLN C 425 -13.53 -19.78 15.48
N VAL C 426 -14.30 -19.19 14.58
CA VAL C 426 -15.67 -19.60 14.32
C VAL C 426 -15.77 -20.73 13.30
N ASN C 427 -14.73 -20.88 12.47
CA ASN C 427 -14.65 -21.89 11.39
C ASN C 427 -15.55 -21.57 10.20
N ILE C 428 -15.42 -20.33 9.72
CA ILE C 428 -16.23 -19.79 8.65
C ILE C 428 -15.66 -20.17 7.29
N SER C 429 -16.46 -20.85 6.50
CA SER C 429 -16.01 -21.42 5.24
C SER C 429 -17.18 -21.65 4.32
N PRO C 430 -16.94 -21.77 3.02
CA PRO C 430 -18.06 -22.03 2.12
C PRO C 430 -18.77 -23.33 2.54
N GLU C 431 -17.97 -24.28 3.01
CA GLU C 431 -18.43 -25.64 3.21
C GLU C 431 -18.66 -26.06 4.67
N THR C 432 -18.48 -25.14 5.62
CA THR C 432 -18.71 -25.48 7.04
C THR C 432 -20.06 -24.97 7.59
N ILE C 433 -20.93 -24.48 6.74
CA ILE C 433 -22.21 -23.98 7.22
C ILE C 433 -23.09 -25.11 7.72
N ALA C 434 -23.33 -25.12 9.02
CA ALA C 434 -24.30 -26.02 9.64
C ALA C 434 -25.76 -25.61 9.41
N GLY C 435 -26.06 -24.34 9.54
CA GLY C 435 -27.44 -23.90 9.56
C GLY C 435 -27.62 -22.48 10.06
N THR C 436 -28.82 -22.19 10.56
CA THR C 436 -29.10 -20.92 11.21
C THR C 436 -29.79 -21.10 12.51
N PHE C 437 -29.84 -20.01 13.24
CA PHE C 437 -30.60 -19.94 14.47
C PHE C 437 -31.39 -18.59 14.50
N LYS C 438 -32.35 -18.49 15.41
CA LYS C 438 -33.24 -17.34 15.55
C LYS C 438 -32.41 -16.31 16.30
N VAL C 439 -32.21 -15.16 15.66
CA VAL C 439 -31.25 -14.23 16.16
C VAL C 439 -31.94 -13.20 17.05
N ALA C 440 -31.42 -12.97 18.25
CA ALA C 440 -31.92 -11.92 19.13
C ALA C 440 -31.15 -10.65 18.75
N PRO C 441 -31.62 -9.47 19.17
CA PRO C 441 -30.95 -8.24 18.78
C PRO C 441 -29.52 -8.26 19.31
N LEU C 442 -28.64 -7.58 18.59
CA LEU C 442 -27.19 -7.51 18.87
C LEU C 442 -26.81 -7.26 20.32
N HIS C 443 -27.48 -6.33 20.98
CA HIS C 443 -27.03 -5.88 22.31
C HIS C 443 -27.33 -6.95 23.37
N ASP C 444 -28.29 -7.82 23.08
CA ASP C 444 -28.66 -8.91 23.99
C ASP C 444 -27.50 -9.88 24.08
N TYR C 445 -26.77 -10.09 22.98
CA TYR C 445 -25.55 -10.90 23.05
C TYR C 445 -24.41 -10.14 23.75
N ILE C 446 -24.32 -8.84 23.51
CA ILE C 446 -23.26 -8.03 24.12
C ILE C 446 -23.42 -8.06 25.64
N ASN C 447 -24.65 -7.95 26.09
CA ASN C 447 -24.95 -7.90 27.51
C ASN C 447 -25.11 -9.31 28.13
N ALA C 448 -24.89 -10.37 27.34
CA ALA C 448 -24.81 -11.75 27.86
C ALA C 448 -26.12 -12.19 28.51
N VAL C 449 -27.19 -12.01 27.76
CA VAL C 449 -28.59 -12.10 28.19
C VAL C 449 -29.38 -13.10 27.32
N ALA C 450 -29.09 -13.01 26.02
CA ALA C 450 -29.80 -13.80 25.03
C ALA C 450 -29.48 -15.28 25.15
N GLU C 451 -30.41 -16.11 24.72
CA GLU C 451 -30.21 -17.55 24.86
C GLU C 451 -28.94 -17.94 24.05
N ARG C 452 -28.22 -18.98 24.50
CA ARG C 452 -27.14 -19.59 23.72
C ARG C 452 -27.60 -20.08 22.35
N PRO C 453 -27.02 -19.53 21.29
CA PRO C 453 -27.49 -19.88 19.94
C PRO C 453 -27.62 -21.41 19.74
N SER C 454 -26.53 -22.11 20.02
CA SER C 454 -26.44 -23.53 19.78
C SER C 454 -25.55 -24.30 20.77
N ASP C 455 -25.96 -25.53 21.00
CA ASP C 455 -25.21 -26.42 21.86
C ASP C 455 -24.09 -27.18 21.14
N VAL C 456 -24.17 -27.25 19.81
CA VAL C 456 -23.33 -28.18 19.04
C VAL C 456 -22.55 -27.55 17.88
N TYR C 457 -22.98 -26.42 17.35
CA TYR C 457 -22.30 -25.82 16.22
C TYR C 457 -21.57 -24.57 16.69
N SER C 458 -20.71 -24.00 15.83
CA SER C 458 -20.00 -22.76 16.17
C SER C 458 -20.74 -21.57 15.59
N CYS C 459 -21.04 -20.57 16.42
CA CYS C 459 -22.00 -19.53 16.04
C CYS C 459 -21.48 -18.11 15.84
N SER C 460 -22.22 -17.29 15.09
CA SER C 460 -21.95 -15.87 14.98
C SER C 460 -23.22 -15.13 15.27
N PRO C 461 -23.15 -13.98 15.92
CA PRO C 461 -24.38 -13.28 16.29
C PRO C 461 -25.15 -12.76 15.09
N ASN C 462 -24.75 -12.99 13.85
CA ASN C 462 -25.62 -12.79 12.65
C ASN C 462 -26.55 -13.97 12.34
N GLY C 463 -26.57 -14.98 13.21
CA GLY C 463 -27.46 -16.12 13.03
C GLY C 463 -26.84 -17.36 12.38
N MET C 464 -25.56 -17.29 12.00
CA MET C 464 -24.93 -18.42 11.34
C MET C 464 -24.30 -19.46 12.30
N MET C 465 -24.43 -20.72 11.90
CA MET C 465 -23.89 -21.88 12.60
C MET C 465 -22.96 -22.65 11.68
N TYR C 466 -21.80 -22.99 12.20
CA TYR C 466 -20.73 -23.62 11.45
C TYR C 466 -20.41 -24.94 12.11
N TYR C 467 -20.01 -25.93 11.32
CA TYR C 467 -19.54 -27.20 11.84
C TYR C 467 -18.23 -26.93 12.63
N LYS C 468 -18.26 -27.29 13.91
CA LYS C 468 -17.17 -27.17 14.88
C LYS C 468 -16.10 -28.29 14.81
N ASP C 469 -16.37 -29.38 14.10
CA ASP C 469 -15.57 -30.60 14.21
C ASP C 469 -14.56 -30.66 13.08
N ARG C 470 -15.02 -30.40 11.86
CA ARG C 470 -14.15 -30.50 10.67
C ARG C 470 -13.31 -29.23 10.44
N ASP C 471 -12.57 -29.24 9.33
CA ASP C 471 -11.64 -28.19 8.97
C ASP C 471 -12.24 -27.51 7.75
N GLY C 472 -12.23 -26.19 7.75
CA GLY C 472 -12.63 -25.44 6.58
C GLY C 472 -11.43 -25.07 5.71
N VAL C 473 -11.60 -25.16 4.39
CA VAL C 473 -10.56 -24.69 3.48
C VAL C 473 -10.11 -23.26 3.79
N VAL C 474 -11.05 -22.35 3.90
CA VAL C 474 -10.72 -20.97 4.15
C VAL C 474 -9.94 -20.83 5.45
N PRO C 475 -10.50 -21.19 6.58
CA PRO C 475 -9.72 -21.12 7.82
C PRO C 475 -8.33 -21.72 7.74
N THR C 476 -8.22 -22.89 7.09
CA THR C 476 -6.98 -23.62 6.94
C THR C 476 -6.00 -22.75 6.21
N GLU C 477 -6.46 -22.16 5.12
CA GLU C 477 -5.56 -21.53 4.15
C GLU C 477 -5.15 -20.13 4.54
N ILE C 478 -5.95 -19.56 5.42
CA ILE C 478 -5.72 -18.26 5.97
C ILE C 478 -4.80 -18.43 7.20
N THR C 479 -4.82 -19.60 7.80
CA THR C 479 -3.95 -19.82 8.94
C THR C 479 -2.49 -19.92 8.49
N LYS C 480 -2.28 -20.53 7.33
CA LYS C 480 -0.96 -20.67 6.76
C LYS C 480 -0.36 -19.29 6.40
N VAL C 481 -1.14 -18.40 5.78
CA VAL C 481 -0.62 -17.06 5.50
C VAL C 481 -0.42 -16.19 6.78
N PHE C 482 -1.29 -16.40 7.78
CA PHE C 482 -1.18 -15.65 9.04
C PHE C 482 0.11 -16.00 9.79
N ASN C 483 0.51 -17.28 9.73
CA ASN C 483 1.69 -17.74 10.44
C ASN C 483 2.97 -17.15 9.81
N GLN C 484 2.99 -16.99 8.49
CA GLN C 484 4.08 -16.27 7.84
C GLN C 484 4.07 -14.79 8.25
N ARG C 485 2.89 -14.18 8.41
CA ARG C 485 2.86 -12.80 8.87
C ARG C 485 3.47 -12.67 10.26
N LYS C 486 2.99 -13.48 11.21
CA LYS C 486 3.50 -13.46 12.57
C LYS C 486 5.05 -13.34 12.54
N GLU C 487 5.70 -14.16 11.73
CA GLU C 487 7.15 -14.26 11.77
C GLU C 487 7.86 -12.97 11.30
N HIS C 488 7.38 -12.40 10.20
CA HIS C 488 7.97 -11.18 9.61
C HIS C 488 7.69 -9.97 10.47
N LYS C 489 6.64 -10.05 11.28
CA LYS C 489 6.28 -8.96 12.14
C LYS C 489 7.30 -8.92 13.25
N GLY C 490 7.50 -10.07 13.88
CA GLY C 490 8.60 -10.29 14.80
C GLY C 490 9.93 -9.64 14.42
N TYR C 491 10.47 -10.00 13.27
CA TYR C 491 11.65 -9.32 12.74
C TYR C 491 11.51 -7.79 12.73
N MET C 492 10.34 -7.29 12.36
CA MET C 492 10.14 -5.87 12.15
C MET C 492 10.11 -5.12 13.48
N LEU C 493 9.47 -5.71 14.49
CA LEU C 493 9.34 -5.02 15.76
C LEU C 493 10.69 -5.05 16.47
N ALA C 494 11.33 -6.23 16.48
CA ALA C 494 12.73 -6.35 16.85
C ALA C 494 13.59 -5.25 16.21
N ALA C 495 13.51 -5.17 14.90
CA ALA C 495 14.25 -4.14 14.17
C ALA C 495 13.95 -2.73 14.71
N GLN C 496 12.71 -2.51 15.14
CA GLN C 496 12.28 -1.21 15.60
C GLN C 496 12.85 -0.96 16.97
N ARG C 497 12.66 -1.93 17.86
CA ARG C 497 13.29 -1.93 19.19
C ARG C 497 14.80 -1.71 19.12
N ASN C 498 15.46 -2.42 18.20
CA ASN C 498 16.92 -2.29 18.03
C ASN C 498 17.30 -0.86 17.62
N GLY C 499 16.49 -0.21 16.77
CA GLY C 499 16.66 1.19 16.42
C GLY C 499 16.55 2.19 17.57
N GLU C 500 15.63 1.99 18.50
CA GLU C 500 15.52 2.87 19.68
C GLU C 500 16.74 2.70 20.60
N ILE C 501 17.29 1.48 20.71
CA ILE C 501 18.57 1.32 21.37
C ILE C 501 19.56 2.29 20.73
N ILE C 502 19.60 2.29 19.40
CA ILE C 502 20.61 3.07 18.70
C ILE C 502 20.43 4.56 18.87
N LYS C 503 19.19 5.02 18.88
CA LYS C 503 18.89 6.42 19.07
C LYS C 503 19.24 6.90 20.48
N GLU C 504 19.07 6.05 21.49
CA GLU C 504 19.41 6.39 22.88
C GLU C 504 20.90 6.59 22.91
N ALA C 505 21.59 5.64 22.30
CA ALA C 505 23.02 5.69 22.15
C ALA C 505 23.58 6.97 21.51
N LEU C 506 22.79 7.70 20.75
CA LEU C 506 23.24 8.90 20.02
C LEU C 506 23.31 10.20 20.85
N HIS C 507 23.19 10.11 22.18
CA HIS C 507 23.59 11.23 23.08
C HIS C 507 24.86 10.91 23.91
N ASN C 508 25.53 9.79 23.55
CA ASN C 508 26.87 9.40 24.01
C ASN C 508 27.85 9.24 22.83
N PRO C 509 27.68 10.03 21.76
CA PRO C 509 28.49 9.83 20.55
C PRO C 509 29.95 9.99 20.93
N ASN C 510 30.70 8.90 20.79
CA ASN C 510 32.01 8.82 21.41
C ASN C 510 33.05 9.19 20.35
N LEU C 511 33.87 10.18 20.70
CA LEU C 511 34.80 10.84 19.79
C LEU C 511 35.86 9.86 19.38
N SER C 512 35.66 9.29 18.20
CA SER C 512 36.39 8.13 17.72
C SER C 512 36.07 7.86 16.26
N VAL C 513 36.99 7.15 15.61
CA VAL C 513 36.83 6.70 14.24
C VAL C 513 36.71 5.20 14.33
N ASP C 514 35.56 4.70 13.89
CA ASP C 514 35.25 3.28 13.88
C ASP C 514 34.46 2.95 12.61
N GLU C 515 34.29 1.64 12.35
CA GLU C 515 33.28 1.14 11.42
C GLU C 515 32.07 0.57 12.19
N PRO C 516 30.89 0.57 11.58
CA PRO C 516 29.70 0.05 12.26
C PRO C 516 29.81 -1.44 12.54
N LEU C 517 28.86 -1.98 13.29
CA LEU C 517 28.98 -3.34 13.79
C LEU C 517 28.51 -4.34 12.73
N ASP C 518 28.47 -5.63 13.06
CA ASP C 518 27.94 -6.64 12.13
C ASP C 518 26.87 -7.50 12.83
N VAL C 519 25.64 -7.00 12.84
CA VAL C 519 24.54 -7.64 13.53
C VAL C 519 23.42 -7.95 12.57
N ASP C 520 22.52 -8.83 13.02
CA ASP C 520 21.32 -9.17 12.30
C ASP C 520 20.23 -8.45 13.03
N TYR C 521 19.71 -7.38 12.41
CA TYR C 521 18.79 -6.48 13.07
C TYR C 521 17.38 -7.07 13.23
N ARG C 522 17.12 -8.26 12.69
CA ARG C 522 15.82 -8.90 12.90
C ARG C 522 15.66 -9.48 14.34
N PHE C 523 16.77 -9.54 15.09
CA PHE C 523 16.75 -10.13 16.42
C PHE C 523 17.29 -9.19 17.48
N ASP C 524 16.78 -9.40 18.70
CA ASP C 524 16.98 -8.46 19.78
C ASP C 524 18.45 -8.42 20.17
N PHE C 525 19.12 -7.36 19.76
CA PHE C 525 20.50 -7.07 20.17
C PHE C 525 20.86 -7.70 21.47
N SER C 526 21.55 -8.85 21.40
CA SER C 526 22.17 -9.48 22.58
C SER C 526 23.11 -8.52 23.34
N ASP C 527 23.09 -8.64 24.67
CA ASP C 527 23.76 -7.74 25.63
C ASP C 527 25.19 -7.28 25.28
N GLU C 528 26.00 -8.16 24.70
CA GLU C 528 27.38 -7.80 24.34
C GLU C 528 27.41 -6.72 23.22
N ILE C 529 26.56 -6.89 22.21
CA ILE C 529 26.36 -5.85 21.20
C ILE C 529 25.92 -4.52 21.85
N LYS C 530 24.98 -4.61 22.79
CA LYS C 530 24.41 -3.40 23.39
C LYS C 530 25.48 -2.62 24.12
N GLU C 531 26.43 -3.33 24.74
CA GLU C 531 27.49 -2.67 25.50
C GLU C 531 28.47 -2.07 24.48
N LYS C 532 28.69 -2.77 23.36
CA LYS C 532 29.59 -2.27 22.32
C LYS C 532 29.12 -0.96 21.70
N ILE C 533 27.80 -0.81 21.57
CA ILE C 533 27.21 0.35 20.92
C ILE C 533 27.51 1.63 21.67
N LYS C 534 27.43 1.57 23.01
CA LYS C 534 27.62 2.73 23.91
C LYS C 534 28.96 3.50 23.73
N LYS C 535 29.91 2.92 23.01
CA LYS C 535 31.25 3.50 22.83
C LYS C 535 31.54 4.08 21.43
N LEU C 536 30.58 3.90 20.50
CA LEU C 536 30.75 4.22 19.07
C LEU C 536 30.42 5.67 18.68
N SER C 537 30.89 6.06 17.49
CA SER C 537 30.83 7.41 16.95
C SER C 537 29.49 7.65 16.28
N ALA C 538 29.20 8.91 15.99
CA ALA C 538 27.96 9.28 15.30
C ALA C 538 27.96 8.68 13.88
N LYS C 539 28.91 9.09 13.03
CA LYS C 539 29.20 8.39 11.78
C LYS C 539 28.82 6.89 11.87
N SER C 540 29.28 6.19 12.90
CA SER C 540 29.04 4.76 12.99
C SER C 540 27.60 4.44 13.40
N LEU C 541 27.14 4.95 14.54
CA LEU C 541 25.78 4.71 15.00
C LEU C 541 24.79 5.05 13.91
N ASN C 542 24.93 6.23 13.32
CA ASN C 542 24.05 6.64 12.23
C ASN C 542 23.93 5.61 11.10
N GLU C 543 25.02 4.93 10.77
CA GLU C 543 25.00 3.89 9.71
C GLU C 543 24.23 2.66 10.19
N MET C 544 24.29 2.38 11.48
CA MET C 544 23.52 1.29 12.08
C MET C 544 22.04 1.62 12.13
N LEU C 545 21.76 2.88 12.45
CA LEU C 545 20.39 3.33 12.58
C LEU C 545 19.74 3.13 11.22
N PHE C 546 20.43 3.60 10.18
CA PHE C 546 19.90 3.56 8.82
C PHE C 546 19.68 2.10 8.37
N ARG C 547 20.58 1.21 8.77
CA ARG C 547 20.54 -0.20 8.39
C ARG C 547 19.43 -0.92 9.14
N ALA C 548 19.11 -0.41 10.32
CA ALA C 548 18.05 -0.98 11.11
C ALA C 548 16.73 -0.62 10.47
N GLN C 549 16.64 0.60 9.94
CA GLN C 549 15.37 1.09 9.48
C GLN C 549 15.13 0.42 8.11
N ARG C 550 16.18 0.05 7.41
CA ARG C 550 15.97 -0.67 6.17
C ARG C 550 15.52 -2.09 6.43
N THR C 551 16.04 -2.71 7.50
CA THR C 551 15.64 -4.05 7.94
C THR C 551 14.19 -4.05 8.42
N GLU C 552 13.76 -2.95 9.02
CA GLU C 552 12.41 -2.85 9.55
C GLU C 552 11.35 -2.54 8.48
N VAL C 553 11.67 -1.61 7.58
CA VAL C 553 10.88 -1.38 6.38
C VAL C 553 10.77 -2.71 5.62
N ALA C 554 11.87 -3.47 5.52
CA ALA C 554 11.80 -4.78 4.84
C ALA C 554 10.76 -5.70 5.46
N GLY C 555 10.77 -5.74 6.79
CA GLY C 555 9.88 -6.58 7.52
C GLY C 555 8.50 -6.02 7.47
N MET C 556 8.33 -4.70 7.52
CA MET C 556 7.01 -4.08 7.45
C MET C 556 6.35 -4.53 6.14
N THR C 557 7.11 -4.54 5.07
CA THR C 557 6.56 -4.81 3.78
C THR C 557 6.01 -6.20 3.76
N ALA C 558 6.77 -7.14 4.30
CA ALA C 558 6.38 -8.56 4.27
C ALA C 558 5.16 -8.84 5.15
N GLN C 559 5.14 -8.18 6.28
CA GLN C 559 4.11 -8.35 7.28
C GLN C 559 2.76 -7.68 6.91
N ILE C 560 2.79 -6.43 6.50
CA ILE C 560 1.55 -5.65 6.35
C ILE C 560 0.84 -6.08 5.08
N ASN C 561 1.62 -6.66 4.16
CA ASN C 561 1.08 -7.19 2.93
C ASN C 561 0.59 -8.62 3.01
N ARG C 562 0.90 -9.33 4.07
CA ARG C 562 0.22 -10.60 4.28
C ARG C 562 -1.04 -10.26 5.06
N LYS C 563 -0.95 -9.24 5.92
CA LYS C 563 -2.16 -8.74 6.58
C LYS C 563 -3.10 -8.31 5.49
N LEU C 564 -2.59 -7.65 4.47
CA LEU C 564 -3.46 -7.20 3.39
C LEU C 564 -4.13 -8.36 2.69
N LEU C 565 -3.37 -9.37 2.36
CA LEU C 565 -3.91 -10.51 1.66
C LEU C 565 -4.98 -11.15 2.54
N ILE C 566 -4.69 -11.44 3.81
CA ILE C 566 -5.68 -12.21 4.57
C ILE C 566 -6.93 -11.38 4.79
N ASN C 567 -6.76 -10.14 5.15
CA ASN C 567 -7.93 -9.29 5.29
C ASN C 567 -8.69 -9.16 3.97
N SER C 568 -7.97 -9.27 2.85
CA SER C 568 -8.58 -9.36 1.51
C SER C 568 -9.35 -10.65 1.18
N LEU C 569 -9.06 -11.77 1.84
CA LEU C 569 -9.94 -12.95 1.71
C LEU C 569 -11.26 -12.73 2.41
N TYR C 570 -11.20 -12.13 3.59
CA TYR C 570 -12.43 -11.61 4.17
C TYR C 570 -13.19 -10.74 3.11
N GLY C 571 -12.48 -9.85 2.41
CA GLY C 571 -13.17 -8.89 1.56
C GLY C 571 -13.86 -9.56 0.39
N ALA C 572 -13.11 -10.46 -0.23
CA ALA C 572 -13.60 -11.24 -1.32
C ALA C 572 -14.92 -11.91 -0.95
N LEU C 573 -15.14 -12.30 0.28
CA LEU C 573 -16.40 -13.00 0.57
C LEU C 573 -17.59 -12.05 0.42
N GLY C 574 -17.32 -10.75 0.42
CA GLY C 574 -18.32 -9.71 0.16
C GLY C 574 -18.26 -9.09 -1.23
N ASN C 575 -17.63 -9.81 -2.16
CA ASN C 575 -17.46 -9.33 -3.51
C ASN C 575 -17.93 -10.36 -4.48
N VAL C 576 -18.82 -9.96 -5.39
CA VAL C 576 -19.59 -10.90 -6.22
C VAL C 576 -18.80 -11.57 -7.30
N TRP C 577 -17.57 -11.16 -7.51
CA TRP C 577 -16.75 -11.79 -8.54
C TRP C 577 -15.94 -12.88 -7.97
N PHE C 578 -16.15 -13.17 -6.70
CA PHE C 578 -15.38 -14.18 -5.99
C PHE C 578 -16.16 -15.50 -6.01
N ARG C 579 -15.57 -16.60 -6.47
CA ARG C 579 -16.28 -17.86 -6.58
C ARG C 579 -17.00 -18.28 -5.28
N TYR C 580 -16.48 -17.86 -4.11
CA TYR C 580 -17.05 -18.24 -2.80
C TYR C 580 -17.74 -17.08 -2.09
N TYR C 581 -18.01 -16.01 -2.80
CA TYR C 581 -18.84 -14.94 -2.27
C TYR C 581 -20.01 -15.45 -1.41
N ASP C 582 -20.14 -14.95 -0.22
CA ASP C 582 -21.35 -15.23 0.55
C ASP C 582 -21.57 -14.23 1.67
N LEU C 583 -22.59 -13.39 1.53
CA LEU C 583 -22.91 -12.39 2.54
C LEU C 583 -23.22 -12.97 3.92
N ARG C 584 -23.72 -14.20 3.96
CA ARG C 584 -23.86 -14.92 5.21
C ARG C 584 -22.56 -15.01 5.99
N ASN C 585 -21.47 -15.38 5.30
CA ASN C 585 -20.14 -15.43 5.90
C ASN C 585 -19.47 -14.05 6.12
N ALA C 586 -19.69 -13.11 5.20
CA ALA C 586 -19.12 -11.77 5.36
C ALA C 586 -19.65 -11.12 6.65
N THR C 587 -20.97 -11.20 6.81
CA THR C 587 -21.70 -10.66 7.95
C THR C 587 -21.52 -11.43 9.25
N ALA C 588 -21.28 -12.73 9.13
CA ALA C 588 -20.91 -13.49 10.31
C ALA C 588 -19.66 -12.95 10.93
N ILE C 589 -18.75 -12.47 10.06
CA ILE C 589 -17.44 -11.96 10.47
C ILE C 589 -17.56 -10.56 11.05
N THR C 590 -18.08 -9.61 10.28
CA THR C 590 -18.27 -8.25 10.83
C THR C 590 -19.18 -8.17 12.08
N THR C 591 -20.23 -8.97 12.07
CA THR C 591 -21.18 -8.91 13.18
C THR C 591 -20.57 -9.49 14.46
N PHE C 592 -19.86 -10.59 14.32
CA PHE C 592 -19.09 -11.13 15.45
C PHE C 592 -18.08 -10.09 15.98
N GLY C 593 -17.44 -9.35 15.08
CA GLY C 593 -16.51 -8.32 15.48
C GLY C 593 -17.19 -7.16 16.20
N GLN C 594 -18.32 -6.72 15.67
CA GLN C 594 -19.10 -5.74 16.39
C GLN C 594 -19.26 -6.22 17.82
N MET C 595 -19.74 -7.46 17.98
CA MET C 595 -20.01 -7.98 19.30
C MET C 595 -18.75 -8.08 20.14
N ALA C 596 -17.73 -8.70 19.59
CA ALA C 596 -16.48 -8.90 20.33
C ALA C 596 -16.02 -7.62 21.00
N LEU C 597 -16.03 -6.54 20.24
CA LEU C 597 -15.48 -5.29 20.69
C LEU C 597 -16.38 -4.80 21.78
N GLN C 598 -17.67 -4.62 21.49
CA GLN C 598 -18.59 -4.17 22.51
C GLN C 598 -18.63 -5.07 23.74
N TRP C 599 -18.31 -6.33 23.58
CA TRP C 599 -18.42 -7.27 24.69
C TRP C 599 -17.30 -6.98 25.64
N ILE C 600 -16.16 -6.67 25.07
CA ILE C 600 -14.99 -6.40 25.86
C ILE C 600 -14.96 -4.95 26.36
N GLU C 601 -15.81 -4.08 25.81
CA GLU C 601 -15.95 -2.74 26.30
C GLU C 601 -16.67 -2.91 27.64
N ARG C 602 -17.74 -3.68 27.61
CA ARG C 602 -18.53 -3.92 28.81
C ARG C 602 -17.69 -4.59 29.86
N LYS C 603 -16.74 -5.44 29.45
CA LYS C 603 -15.97 -6.21 30.40
C LYS C 603 -15.02 -5.23 31.01
N VAL C 604 -14.10 -4.70 30.21
CA VAL C 604 -13.10 -3.79 30.74
C VAL C 604 -13.72 -2.72 31.66
N ASN C 605 -14.89 -2.19 31.33
CA ASN C 605 -15.56 -1.28 32.25
C ASN C 605 -15.86 -1.90 33.63
N GLU C 606 -16.47 -3.08 33.61
CA GLU C 606 -16.64 -3.91 34.80
C GLU C 606 -15.38 -4.01 35.67
N TYR C 607 -14.33 -4.64 35.15
CA TYR C 607 -13.13 -4.94 35.94
C TYR C 607 -12.48 -3.70 36.54
N LEU C 608 -12.48 -2.59 35.80
CA LEU C 608 -11.76 -1.42 36.26
C LEU C 608 -12.59 -0.63 37.27
N ASN C 609 -13.90 -0.82 37.27
CA ASN C 609 -14.75 -0.33 38.36
C ASN C 609 -14.53 -1.14 39.66
N GLU C 610 -14.28 -2.44 39.54
CA GLU C 610 -14.05 -3.32 40.70
C GLU C 610 -12.79 -2.88 41.41
N VAL C 611 -11.70 -2.83 40.64
CA VAL C 611 -10.37 -2.78 41.20
C VAL C 611 -9.97 -1.33 41.46
N CYS C 612 -10.37 -0.41 40.58
CA CYS C 612 -10.21 1.02 40.89
C CYS C 612 -11.02 1.40 42.12
N GLY C 613 -12.08 0.61 42.38
CA GLY C 613 -12.95 0.76 43.55
C GLY C 613 -14.29 1.41 43.26
N THR C 614 -14.31 2.34 42.30
CA THR C 614 -15.49 3.17 41.97
C THR C 614 -16.65 2.32 41.38
N GLU C 615 -17.61 2.95 40.70
CA GLU C 615 -18.77 2.21 40.20
C GLU C 615 -19.49 2.88 39.04
N GLY C 616 -19.60 2.17 37.91
CA GLY C 616 -20.39 2.61 36.78
C GLY C 616 -19.81 3.79 36.05
N GLU C 617 -18.48 3.89 36.05
CA GLU C 617 -17.77 5.04 35.49
C GLU C 617 -17.09 4.57 34.20
N ALA C 618 -16.99 5.48 33.21
CA ALA C 618 -16.51 5.12 31.86
C ALA C 618 -14.99 5.09 31.82
N PHE C 619 -14.45 3.92 31.49
CA PHE C 619 -13.03 3.72 31.42
C PHE C 619 -12.62 3.54 29.97
N VAL C 620 -13.55 3.16 29.11
CA VAL C 620 -13.25 2.97 27.70
C VAL C 620 -13.85 4.17 27.04
N LEU C 621 -13.01 5.02 26.49
CA LEU C 621 -13.51 6.26 25.96
C LEU C 621 -13.69 6.23 24.46
N TYR C 622 -13.19 5.17 23.82
CA TYR C 622 -13.28 5.05 22.36
C TYR C 622 -12.90 3.65 21.95
N GLY C 623 -13.20 3.32 20.70
CA GLY C 623 -12.84 2.04 20.10
C GLY C 623 -13.36 1.97 18.68
N ASP C 624 -12.60 1.29 17.82
CA ASP C 624 -12.83 1.23 16.37
C ASP C 624 -12.54 -0.19 15.93
N THR C 625 -13.58 -0.87 15.46
CA THR C 625 -13.56 -2.25 15.00
C THR C 625 -12.86 -3.28 15.90
N ASP C 626 -11.56 -3.13 16.21
CA ASP C 626 -10.84 -4.09 17.06
C ASP C 626 -10.11 -3.47 18.25
N SER C 627 -10.43 -2.22 18.52
CA SER C 627 -9.58 -1.35 19.34
C SER C 627 -10.32 -0.93 20.55
N ILE C 628 -9.61 -0.83 21.68
CA ILE C 628 -10.11 -0.04 22.81
C ILE C 628 -9.06 0.88 23.39
N TYR C 629 -9.58 1.99 23.89
CA TYR C 629 -8.81 3.13 24.33
C TYR C 629 -9.29 3.45 25.74
N VAL C 630 -8.47 3.11 26.73
CA VAL C 630 -8.82 3.15 28.14
C VAL C 630 -8.16 4.31 28.87
N SER C 631 -8.97 5.18 29.48
CA SER C 631 -8.47 6.26 30.35
C SER C 631 -7.83 5.71 31.60
N ALA C 632 -6.56 5.97 31.77
CA ALA C 632 -5.80 5.47 32.91
C ALA C 632 -5.59 6.51 34.04
N ASP C 633 -6.32 7.63 34.00
CA ASP C 633 -6.13 8.71 34.97
C ASP C 633 -6.38 8.19 36.38
N LYS C 634 -7.41 7.35 36.54
CA LYS C 634 -7.81 6.86 37.87
C LYS C 634 -6.88 5.75 38.36
N ILE C 635 -6.25 5.01 37.44
CA ILE C 635 -5.24 4.03 37.79
C ILE C 635 -4.00 4.72 38.30
N ILE C 636 -3.71 5.90 37.76
CA ILE C 636 -2.56 6.68 38.19
C ILE C 636 -2.83 7.35 39.53
N ASP C 637 -3.97 8.04 39.67
CA ASP C 637 -4.32 8.73 40.92
C ASP C 637 -4.03 7.84 42.09
N LYS C 638 -4.46 6.58 41.99
CA LYS C 638 -4.28 5.51 43.01
C LYS C 638 -2.87 5.40 43.64
N VAL C 639 -1.89 5.93 42.92
CA VAL C 639 -0.57 6.27 43.45
C VAL C 639 -0.47 7.82 43.55
N GLY C 640 -0.45 8.50 42.41
CA GLY C 640 -0.30 9.95 42.29
C GLY C 640 1.04 10.33 41.66
N GLU C 641 1.38 11.61 41.70
CA GLU C 641 2.80 12.04 41.66
C GLU C 641 3.40 11.75 43.04
N SER C 642 3.21 10.51 43.51
CA SER C 642 3.93 10.01 44.69
C SER C 642 5.26 9.53 44.13
N LYS C 643 5.58 8.24 44.30
CA LYS C 643 6.91 7.69 44.03
C LYS C 643 7.00 7.35 42.54
N PHE C 644 7.00 8.42 41.73
CA PHE C 644 7.27 8.36 40.30
C PHE C 644 8.43 9.31 40.05
N ARG C 645 9.60 8.76 39.76
CA ARG C 645 10.83 9.55 39.68
C ARG C 645 10.90 10.35 38.37
N ASP C 646 10.42 9.73 37.28
CA ASP C 646 10.42 10.35 35.94
C ASP C 646 9.39 9.71 34.99
N THR C 647 9.20 10.38 33.85
CA THR C 647 8.22 9.98 32.84
C THR C 647 8.26 8.47 32.57
N ASN C 648 9.43 7.90 32.63
CA ASN C 648 9.59 6.49 32.29
C ASN C 648 9.03 5.57 33.39
N HIS C 649 9.11 6.02 34.65
CA HIS C 649 8.69 5.19 35.78
C HIS C 649 7.26 4.72 35.63
N TRP C 650 6.33 5.67 35.42
CA TRP C 650 4.91 5.34 35.36
C TRP C 650 4.58 4.57 34.09
N VAL C 651 5.38 4.79 33.06
CA VAL C 651 5.27 4.04 31.83
C VAL C 651 5.68 2.59 32.09
N ASP C 652 6.80 2.40 32.78
CA ASP C 652 7.21 1.08 33.28
C ASP C 652 6.02 0.48 34.03
N PHE C 653 5.34 1.31 34.81
CA PHE C 653 4.32 0.84 35.73
C PHE C 653 3.13 0.32 34.97
N LEU C 654 2.48 1.22 34.25
CA LEU C 654 1.39 0.86 33.33
C LEU C 654 1.68 -0.36 32.43
N ASP C 655 2.80 -0.34 31.72
CA ASP C 655 3.22 -1.49 30.94
C ASP C 655 2.99 -2.75 31.77
N LYS C 656 3.40 -2.68 33.04
CA LYS C 656 3.26 -3.73 34.05
C LYS C 656 1.79 -3.98 34.45
N PHE C 657 1.02 -2.93 34.70
CA PHE C 657 -0.40 -3.13 35.04
C PHE C 657 -1.18 -3.82 33.93
N ALA C 658 -1.02 -3.36 32.68
CA ALA C 658 -1.61 -4.00 31.50
C ALA C 658 -1.22 -5.46 31.33
N ARG C 659 0.07 -5.76 31.35
CA ARG C 659 0.59 -7.11 31.12
C ARG C 659 0.28 -8.09 32.24
N GLU C 660 0.10 -7.61 33.47
CA GLU C 660 -0.02 -8.49 34.66
C GLU C 660 -1.44 -8.67 35.23
N ARG C 661 -2.36 -7.80 34.84
CA ARG C 661 -3.73 -7.75 35.40
C ARG C 661 -4.89 -7.61 34.40
N MET C 662 -4.72 -6.72 33.44
CA MET C 662 -5.74 -6.45 32.45
C MET C 662 -5.82 -7.51 31.39
N GLU C 663 -4.70 -7.91 30.81
CA GLU C 663 -4.74 -8.89 29.71
C GLU C 663 -5.17 -10.30 30.24
N PRO C 664 -4.77 -10.68 31.45
CA PRO C 664 -5.41 -11.84 32.09
C PRO C 664 -6.94 -11.70 32.13
N ALA C 665 -7.40 -10.56 32.61
CA ALA C 665 -8.82 -10.31 32.71
C ALA C 665 -9.47 -10.49 31.34
N ILE C 666 -8.82 -9.91 30.32
CA ILE C 666 -9.34 -9.81 28.96
C ILE C 666 -9.41 -11.18 28.36
N ASP C 667 -8.42 -12.00 28.69
CA ASP C 667 -8.38 -13.35 28.16
C ASP C 667 -9.59 -14.07 28.77
N ARG C 668 -9.84 -13.84 30.06
CA ARG C 668 -10.97 -14.50 30.75
C ARG C 668 -12.30 -14.13 30.06
N GLY C 669 -12.50 -12.83 29.85
CA GLY C 669 -13.67 -12.33 29.14
C GLY C 669 -13.94 -12.93 27.77
N PHE C 670 -12.90 -13.08 26.95
CA PHE C 670 -13.09 -13.64 25.63
C PHE C 670 -13.23 -15.15 25.64
N ARG C 671 -12.49 -15.84 26.50
CA ARG C 671 -12.69 -17.28 26.65
C ARG C 671 -14.15 -17.55 26.92
N GLU C 672 -14.78 -16.62 27.63
CA GLU C 672 -16.15 -16.79 28.07
C GLU C 672 -17.07 -16.54 26.91
N MET C 673 -16.74 -15.57 26.06
CA MET C 673 -17.52 -15.25 24.86
C MET C 673 -17.46 -16.41 23.85
N CYS C 674 -16.36 -17.17 23.88
CA CYS C 674 -16.12 -18.25 22.95
C CYS C 674 -16.92 -19.46 23.39
N GLU C 675 -17.02 -19.62 24.71
CA GLU C 675 -17.87 -20.62 25.36
C GLU C 675 -19.32 -20.32 24.98
N TYR C 676 -19.72 -19.05 25.04
CA TYR C 676 -21.08 -18.60 24.70
C TYR C 676 -21.49 -18.92 23.25
N MET C 677 -20.63 -18.57 22.30
CA MET C 677 -20.87 -18.83 20.87
C MET C 677 -20.48 -20.26 20.48
N ASN C 678 -19.90 -20.98 21.43
CA ASN C 678 -19.55 -22.37 21.23
C ASN C 678 -18.62 -22.45 20.05
N ASN C 679 -17.63 -21.58 20.00
CA ASN C 679 -16.68 -21.60 18.90
C ASN C 679 -15.69 -22.80 19.00
N LYS C 680 -14.84 -22.93 17.97
CA LYS C 680 -13.99 -24.07 17.76
C LYS C 680 -12.78 -23.87 18.61
N GLN C 681 -12.17 -22.70 18.41
CA GLN C 681 -10.87 -22.38 19.01
C GLN C 681 -10.90 -20.95 19.56
N HIS C 682 -10.36 -20.78 20.75
CA HIS C 682 -10.19 -19.42 21.25
C HIS C 682 -9.03 -18.73 20.57
N LEU C 683 -9.33 -17.63 19.89
CA LEU C 683 -8.32 -16.82 19.19
C LEU C 683 -8.53 -15.32 19.32
N MET C 684 -9.39 -14.86 20.21
CA MET C 684 -9.46 -13.44 20.51
C MET C 684 -8.36 -13.13 21.51
N PHE C 685 -7.22 -12.76 20.94
CA PHE C 685 -6.01 -12.41 21.67
C PHE C 685 -5.84 -10.92 21.68
N MET C 686 -6.36 -10.27 22.71
CA MET C 686 -6.20 -8.83 22.82
C MET C 686 -5.04 -8.53 23.77
N ASP C 687 -4.04 -7.84 23.21
CA ASP C 687 -2.90 -7.36 23.97
C ASP C 687 -2.81 -5.84 23.87
N ARG C 688 -1.82 -5.27 24.55
CA ARG C 688 -1.68 -3.83 24.62
C ARG C 688 -0.83 -3.26 23.49
N GLU C 689 -1.29 -2.14 22.93
CA GLU C 689 -0.52 -1.36 22.01
C GLU C 689 0.06 -0.09 22.64
N ALA C 690 -0.70 0.98 22.78
CA ALA C 690 -0.08 2.28 23.06
C ALA C 690 -0.03 2.61 24.55
N ILE C 691 0.86 3.53 24.92
CA ILE C 691 0.85 4.09 26.28
C ILE C 691 1.21 5.54 26.19
N ALA C 692 0.28 6.39 26.59
CA ALA C 692 0.37 7.82 26.32
C ALA C 692 0.14 8.65 27.58
N GLY C 693 0.71 9.84 27.58
CA GLY C 693 0.57 10.76 28.70
C GLY C 693 1.46 11.96 28.49
N PRO C 694 1.30 13.00 29.29
CA PRO C 694 2.24 14.12 29.30
C PRO C 694 3.59 13.67 29.80
N PRO C 695 4.67 14.40 29.54
CA PRO C 695 5.90 14.19 30.30
C PRO C 695 5.60 14.55 31.74
N LEU C 696 6.36 14.05 32.70
CA LEU C 696 6.10 14.34 34.12
C LEU C 696 6.33 15.82 34.52
N GLY C 697 5.36 16.39 35.25
CA GLY C 697 5.44 17.77 35.72
C GLY C 697 5.21 18.80 34.63
N SER C 698 4.67 18.36 33.50
CA SER C 698 4.41 19.22 32.36
C SER C 698 3.06 19.91 32.46
N LYS C 699 2.90 20.95 31.63
CA LYS C 699 1.57 21.49 31.31
C LYS C 699 0.90 20.71 30.16
N GLY C 700 1.56 19.69 29.61
CA GLY C 700 1.00 18.94 28.49
C GLY C 700 -0.21 18.05 28.75
N ILE C 701 -1.18 18.04 27.84
CA ILE C 701 -2.44 17.35 28.09
C ILE C 701 -2.45 15.87 27.70
N GLY C 702 -1.40 15.37 27.06
CA GLY C 702 -1.30 13.95 26.83
C GLY C 702 -2.05 13.38 25.63
N GLY C 703 -3.22 13.93 25.32
CA GLY C 703 -4.08 13.35 24.31
C GLY C 703 -5.33 14.16 24.09
N PHE C 704 -6.03 13.86 22.99
CA PHE C 704 -7.40 14.35 22.76
C PHE C 704 -8.10 13.62 21.63
N TRP C 705 -9.43 13.72 21.61
CA TRP C 705 -10.30 13.18 20.56
C TRP C 705 -11.23 14.31 20.14
N THR C 706 -11.44 14.57 18.85
CA THR C 706 -12.42 15.58 18.43
C THR C 706 -13.75 14.89 18.13
N GLY C 707 -13.65 13.72 17.51
CA GLY C 707 -14.79 12.85 17.27
C GLY C 707 -14.29 11.52 16.72
N LYS C 708 -15.19 10.74 16.17
CA LYS C 708 -14.82 9.47 15.60
C LYS C 708 -13.65 9.59 14.61
N LYS C 709 -12.62 8.79 14.80
CA LYS C 709 -11.52 8.66 13.84
C LYS C 709 -10.66 9.89 13.80
N ARG C 710 -10.57 10.58 14.92
CA ARG C 710 -9.88 11.86 15.02
C ARG C 710 -9.37 12.02 16.44
N TYR C 711 -8.17 11.57 16.66
CA TYR C 711 -7.49 11.80 17.89
C TYR C 711 -5.97 11.95 17.70
N ALA C 712 -5.34 12.61 18.66
CA ALA C 712 -3.89 12.61 18.80
C ALA C 712 -3.53 12.07 20.19
N LEU C 713 -2.29 11.59 20.35
CA LEU C 713 -1.79 11.00 21.61
C LEU C 713 -0.29 11.12 21.62
N ASN C 714 0.26 11.46 22.77
CA ASN C 714 1.70 11.55 22.97
C ASN C 714 2.16 10.22 23.59
N VAL C 715 2.83 9.41 22.79
CA VAL C 715 2.97 8.01 23.07
C VAL C 715 4.39 7.61 23.42
N TRP C 716 4.56 6.91 24.54
CA TRP C 716 5.86 6.48 25.03
C TRP C 716 6.14 5.02 24.76
N ASP C 717 5.12 4.19 24.56
CA ASP C 717 5.41 2.80 24.27
C ASP C 717 4.32 2.19 23.43
N MET C 718 4.77 1.53 22.37
CA MET C 718 3.94 1.00 21.33
C MET C 718 4.35 -0.45 21.06
N GLU C 719 3.50 -1.41 21.44
CA GLU C 719 3.67 -2.83 21.12
C GLU C 719 4.98 -3.38 21.67
N GLY C 720 5.47 -2.84 22.78
CA GLY C 720 6.69 -3.33 23.42
C GLY C 720 7.91 -2.49 23.16
N THR C 721 7.82 -1.57 22.20
CA THR C 721 8.90 -0.67 21.86
C THR C 721 8.86 0.54 22.75
N ARG C 722 9.93 0.83 23.47
CA ARG C 722 10.00 2.01 24.31
C ARG C 722 10.75 3.14 23.63
N TYR C 723 10.04 4.21 23.25
CA TYR C 723 10.65 5.25 22.42
C TYR C 723 11.65 6.05 23.21
N ALA C 724 12.77 6.33 22.55
CA ALA C 724 13.83 7.21 23.04
C ALA C 724 13.30 8.59 23.32
N GLU C 725 12.50 9.09 22.38
CA GLU C 725 11.78 10.36 22.53
C GLU C 725 10.33 10.15 22.10
N PRO C 726 9.40 10.80 22.77
CA PRO C 726 7.99 10.43 22.62
C PRO C 726 7.57 10.74 21.19
N LYS C 727 6.72 9.89 20.66
CA LYS C 727 6.27 9.93 19.29
C LYS C 727 4.76 10.23 19.29
N LEU C 728 4.39 11.28 18.58
CA LEU C 728 3.00 11.56 18.30
C LEU C 728 2.36 10.49 17.44
N LYS C 729 1.22 9.99 17.89
CA LYS C 729 0.42 9.03 17.16
C LYS C 729 -0.86 9.80 16.93
N ILE C 730 -0.92 10.40 15.75
CA ILE C 730 -2.06 11.15 15.33
C ILE C 730 -2.80 10.37 14.26
N MET C 731 -4.08 10.10 14.49
CA MET C 731 -4.91 9.37 13.58
C MET C 731 -6.07 10.31 13.17
N GLY C 732 -6.21 10.61 11.89
CA GLY C 732 -7.44 11.15 11.33
C GLY C 732 -7.39 12.62 11.03
N LEU C 733 -6.62 13.36 11.84
CA LEU C 733 -6.60 14.80 11.75
C LEU C 733 -5.87 15.30 10.49
N GLU C 734 -5.80 16.61 10.33
CA GLU C 734 -5.37 17.16 9.05
C GLU C 734 -3.89 16.95 8.79
N THR C 735 -3.07 16.77 9.83
CA THR C 735 -1.63 16.48 9.68
C THR C 735 -1.33 15.23 8.90
N GLN C 736 -2.28 14.32 8.92
CA GLN C 736 -2.14 13.02 8.30
C GLN C 736 -2.70 12.95 6.86
N LYS C 737 -3.25 14.04 6.34
CA LYS C 737 -3.97 13.99 5.09
C LYS C 737 -3.08 14.58 3.99
N SER C 738 -3.09 13.93 2.84
CA SER C 738 -2.27 14.30 1.72
C SER C 738 -2.85 15.52 1.05
N SER C 739 -4.12 15.82 1.36
CA SER C 739 -4.77 17.01 0.79
C SER C 739 -4.31 18.31 1.45
N THR C 740 -3.62 18.22 2.58
CA THR C 740 -3.30 19.45 3.28
C THR C 740 -1.85 19.84 3.09
N PRO C 741 -1.60 21.12 2.94
CA PRO C 741 -0.28 21.60 2.52
C PRO C 741 0.86 21.20 3.44
N LYS C 742 2.01 20.90 2.86
CA LYS C 742 3.09 20.30 3.63
C LYS C 742 3.40 21.16 4.85
N ALA C 743 3.43 22.46 4.61
CA ALA C 743 3.85 23.44 5.60
C ALA C 743 2.86 23.52 6.72
N VAL C 744 1.59 23.35 6.41
CA VAL C 744 0.58 23.34 7.44
C VAL C 744 0.58 22.01 8.17
N GLN C 745 0.72 20.89 7.46
CA GLN C 745 0.91 19.62 8.15
C GLN C 745 1.96 19.72 9.21
N LYS C 746 3.10 20.34 8.85
CA LYS C 746 4.25 20.53 9.77
C LYS C 746 3.87 21.39 10.95
N ALA C 747 3.22 22.51 10.64
CA ALA C 747 2.82 23.48 11.64
C ALA C 747 1.76 22.96 12.59
N LEU C 748 0.69 22.38 12.03
CA LEU C 748 -0.42 21.78 12.79
C LEU C 748 0.09 20.72 13.77
N LYS C 749 0.99 19.87 13.30
CA LYS C 749 1.71 18.91 14.13
C LYS C 749 2.57 19.52 15.29
N GLU C 750 3.35 20.53 14.98
CA GLU C 750 4.13 21.13 16.03
C GLU C 750 3.16 21.76 17.03
N CYS C 751 2.04 22.34 16.60
CA CYS C 751 1.00 22.79 17.54
C CYS C 751 0.47 21.68 18.44
N ILE C 752 0.16 20.53 17.86
CA ILE C 752 -0.29 19.39 18.61
C ILE C 752 0.77 18.93 19.62
N ARG C 753 2.01 18.80 19.14
CA ARG C 753 3.13 18.39 20.00
C ARG C 753 3.20 19.31 21.20
N ARG C 754 2.89 20.58 20.98
CA ARG C 754 2.91 21.55 22.05
C ARG C 754 1.69 21.39 22.99
N MET C 755 0.49 21.22 22.44
CA MET C 755 -0.68 21.00 23.30
C MET C 755 -0.49 19.79 24.22
N LEU C 756 0.13 18.75 23.68
CA LEU C 756 0.18 17.46 24.35
C LEU C 756 1.33 17.42 25.34
N GLN C 757 2.42 18.12 24.99
CA GLN C 757 3.68 18.02 25.71
C GLN C 757 3.99 19.22 26.60
N GLU C 758 3.56 20.40 26.17
CA GLU C 758 3.92 21.66 26.84
C GLU C 758 2.69 22.61 26.93
N GLY C 759 1.68 22.28 27.72
CA GLY C 759 0.38 22.99 27.68
C GLY C 759 0.01 24.18 26.77
N GLU C 760 -0.85 25.05 27.31
CA GLU C 760 -1.49 26.14 26.56
C GLU C 760 -0.57 27.32 26.20
N GLU C 761 0.24 27.79 27.14
CA GLU C 761 1.18 28.86 26.85
C GLU C 761 2.16 28.49 25.71
N SER C 762 2.60 27.25 25.63
CA SER C 762 3.52 26.86 24.55
C SER C 762 2.87 26.99 23.18
N LEU C 763 1.65 26.49 23.07
CA LEU C 763 0.86 26.55 21.83
C LEU C 763 0.68 27.97 21.35
N GLN C 764 0.25 28.85 22.25
CA GLN C 764 -0.18 30.18 21.86
C GLN C 764 1.01 30.96 21.41
N GLU C 765 2.16 30.72 22.03
CA GLU C 765 3.40 31.37 21.65
C GLU C 765 3.73 30.99 20.19
N TYR C 766 3.94 29.69 19.95
CA TYR C 766 4.16 29.18 18.60
C TYR C 766 3.12 29.58 17.57
N PHE C 767 1.86 29.63 17.97
CA PHE C 767 0.79 30.06 17.09
C PHE C 767 1.02 31.51 16.64
N LYS C 768 1.44 32.36 17.56
CA LYS C 768 1.71 33.74 17.24
C LYS C 768 2.76 33.80 16.15
N GLU C 769 3.80 32.99 16.27
CA GLU C 769 4.87 33.05 15.29
C GLU C 769 4.48 32.40 13.98
N PHE C 770 3.63 31.39 14.00
CA PHE C 770 3.16 30.91 12.72
C PHE C 770 2.34 31.96 11.97
N GLU C 771 1.53 32.74 12.67
CA GLU C 771 0.70 33.76 12.05
C GLU C 771 1.55 34.83 11.35
N LYS C 772 2.55 35.38 12.05
CA LYS C 772 3.34 36.46 11.48
C LYS C 772 4.10 35.93 10.28
N GLU C 773 4.84 34.85 10.48
CA GLU C 773 5.84 34.43 9.49
C GLU C 773 5.25 33.67 8.30
N PHE C 774 4.06 33.15 8.49
CA PHE C 774 3.40 32.33 7.50
C PHE C 774 3.47 32.83 6.03
N ARG C 775 3.50 34.13 5.82
CA ARG C 775 3.37 34.67 4.47
C ARG C 775 4.53 34.45 3.51
N GLN C 776 5.78 34.28 3.99
CA GLN C 776 6.94 34.02 3.09
C GLN C 776 7.26 32.53 2.88
N LEU C 777 6.36 31.64 3.27
CA LEU C 777 6.55 30.25 2.93
C LEU C 777 6.41 30.08 1.42
N ASN C 778 7.18 29.14 0.90
CA ASN C 778 7.16 28.85 -0.52
C ASN C 778 5.75 28.47 -0.92
N TYR C 779 5.25 28.92 -2.06
CA TYR C 779 3.90 28.56 -2.49
C TYR C 779 3.61 27.06 -2.63
N ILE C 780 4.58 26.29 -3.10
CA ILE C 780 4.36 24.84 -3.20
C ILE C 780 4.05 24.30 -1.80
N SER C 781 4.74 24.81 -0.79
CA SER C 781 4.56 24.32 0.57
C SER C 781 3.18 24.62 1.17
N ILE C 782 2.54 25.69 0.77
CA ILE C 782 1.25 26.07 1.36
C ILE C 782 0.06 25.85 0.41
N ALA C 783 0.26 25.13 -0.70
CA ALA C 783 -0.87 24.73 -1.54
C ALA C 783 -1.60 23.49 -1.05
N SER C 784 -2.90 23.42 -1.31
CA SER C 784 -3.71 22.23 -1.03
C SER C 784 -3.47 21.20 -2.12
N VAL C 785 -3.79 19.94 -1.86
CA VAL C 785 -3.75 18.90 -2.90
C VAL C 785 -5.08 18.19 -3.03
N SER C 786 -5.51 17.94 -4.27
CA SER C 786 -6.71 17.14 -4.50
C SER C 786 -6.56 16.25 -5.72
N SER C 787 -7.22 15.10 -5.70
CA SER C 787 -7.35 14.28 -6.89
C SER C 787 -8.28 15.00 -7.81
N ALA C 788 -8.09 14.81 -9.10
CA ALA C 788 -8.80 15.59 -10.13
C ALA C 788 -9.72 14.75 -11.00
N ASN C 789 -10.91 14.44 -10.52
CA ASN C 789 -11.79 13.58 -11.29
C ASN C 789 -12.92 14.33 -11.97
N ASN C 790 -13.30 13.79 -13.14
CA ASN C 790 -14.45 14.23 -13.92
C ASN C 790 -14.40 15.67 -14.34
N ILE C 791 -13.21 16.19 -14.56
CA ILE C 791 -13.05 17.55 -15.07
C ILE C 791 -14.08 17.83 -16.16
N ALA C 792 -14.04 17.03 -17.22
CA ALA C 792 -14.93 17.18 -18.35
C ALA C 792 -16.39 17.38 -17.94
N LYS C 793 -16.86 16.59 -16.99
CA LYS C 793 -18.28 16.60 -16.58
C LYS C 793 -18.79 17.96 -16.03
N TYR C 794 -17.90 18.70 -15.38
CA TYR C 794 -18.19 20.04 -14.86
C TYR C 794 -17.66 21.21 -15.73
N ASP C 795 -17.17 20.94 -16.94
CA ASP C 795 -16.69 22.03 -17.82
C ASP C 795 -17.83 22.98 -18.22
N VAL C 796 -18.49 22.84 -19.38
CA VAL C 796 -19.59 23.78 -19.76
C VAL C 796 -19.03 25.12 -20.28
N GLY C 797 -18.46 25.09 -21.48
CA GLY C 797 -17.75 26.23 -22.08
C GLY C 797 -16.62 26.88 -21.28
N GLY C 798 -15.48 26.22 -21.15
CA GLY C 798 -14.39 26.73 -20.32
C GLY C 798 -14.65 27.12 -18.86
N PHE C 799 -15.90 27.10 -18.38
CA PHE C 799 -16.25 27.68 -17.08
C PHE C 799 -16.89 26.67 -16.10
N PRO C 800 -16.94 26.96 -14.81
CA PRO C 800 -17.68 26.10 -13.86
C PRO C 800 -19.20 25.88 -14.11
N GLY C 801 -19.59 24.60 -14.20
CA GLY C 801 -20.98 24.19 -14.28
C GLY C 801 -21.66 23.97 -12.94
N PRO C 802 -22.91 23.53 -12.99
CA PRO C 802 -23.64 23.23 -11.75
C PRO C 802 -22.80 22.34 -10.84
N LYS C 803 -22.58 22.78 -9.61
CA LYS C 803 -22.18 21.92 -8.49
C LYS C 803 -20.69 21.51 -8.54
N CYS C 804 -19.92 22.36 -9.23
CA CYS C 804 -18.52 22.14 -9.53
C CYS C 804 -17.64 22.33 -8.27
N PRO C 805 -16.91 21.29 -7.89
CA PRO C 805 -15.94 21.35 -6.81
C PRO C 805 -14.97 22.49 -6.92
N PHE C 806 -14.62 23.12 -5.80
CA PHE C 806 -13.50 24.10 -5.68
C PHE C 806 -12.26 23.70 -6.50
N HIS C 807 -11.81 22.46 -6.39
CA HIS C 807 -10.55 22.08 -7.08
C HIS C 807 -10.69 21.88 -8.60
N ILE C 808 -11.82 21.30 -9.00
CA ILE C 808 -12.12 21.17 -10.41
C ILE C 808 -12.24 22.59 -10.98
N ARG C 809 -12.94 23.47 -10.26
CA ARG C 809 -13.02 24.88 -10.65
C ARG C 809 -11.62 25.44 -10.84
N GLY C 810 -10.68 25.01 -10.00
CA GLY C 810 -9.31 25.44 -10.13
C GLY C 810 -8.63 25.13 -11.46
N ILE C 811 -8.85 23.93 -11.94
CA ILE C 811 -8.23 23.47 -13.15
C ILE C 811 -8.79 24.27 -14.30
N LEU C 812 -10.09 24.55 -14.24
CA LEU C 812 -10.76 25.19 -15.33
C LEU C 812 -10.17 26.54 -15.55
N THR C 813 -9.79 27.18 -14.44
CA THR C 813 -9.19 28.50 -14.54
C THR C 813 -7.74 28.44 -14.97
N TYR C 814 -7.05 27.33 -14.67
CA TYR C 814 -5.73 27.04 -15.28
C TYR C 814 -5.86 26.90 -16.79
N ASN C 815 -6.57 25.88 -17.25
CA ASN C 815 -6.97 25.72 -18.65
C ASN C 815 -7.39 27.00 -19.37
N ARG C 816 -7.88 27.99 -18.65
CA ARG C 816 -8.21 29.25 -19.30
C ARG C 816 -6.96 30.10 -19.48
N ALA C 817 -6.10 30.12 -18.47
CA ALA C 817 -4.94 31.00 -18.44
C ALA C 817 -3.75 30.54 -19.29
N ILE C 818 -3.67 29.27 -19.63
CA ILE C 818 -2.62 28.77 -20.52
C ILE C 818 -3.19 28.48 -21.92
N LYS C 819 -4.52 28.61 -22.02
CA LYS C 819 -5.26 28.52 -23.28
C LYS C 819 -4.41 28.92 -24.46
N GLY C 820 -4.48 28.08 -25.47
CA GLY C 820 -3.81 28.32 -26.73
C GLY C 820 -2.60 27.44 -26.80
N ASN C 821 -1.49 27.95 -26.26
CA ASN C 821 -0.16 27.34 -26.44
C ASN C 821 0.06 25.98 -25.75
N ILE C 822 0.68 25.05 -26.48
CA ILE C 822 0.83 23.67 -26.02
C ILE C 822 2.10 23.47 -25.22
N ASP C 823 3.02 24.42 -25.31
CA ASP C 823 4.13 24.56 -24.38
C ASP C 823 3.79 24.06 -22.96
N ALA C 824 2.87 24.74 -22.27
CA ALA C 824 2.57 24.51 -20.84
C ALA C 824 1.88 23.20 -20.50
N PRO C 825 2.21 22.62 -19.35
CA PRO C 825 1.72 21.28 -19.00
C PRO C 825 0.23 21.25 -18.80
N GLN C 826 -0.42 20.14 -19.18
CA GLN C 826 -1.86 19.96 -19.04
C GLN C 826 -2.13 19.21 -17.75
N VAL C 827 -3.33 19.42 -17.20
CA VAL C 827 -3.80 18.67 -16.04
C VAL C 827 -4.38 17.41 -16.59
N VAL C 828 -4.04 16.29 -15.99
CA VAL C 828 -4.45 14.99 -16.51
C VAL C 828 -5.65 14.49 -15.73
N GLU C 829 -6.72 14.14 -16.43
CA GLU C 829 -7.88 13.55 -15.78
C GLU C 829 -7.36 12.41 -14.94
N GLY C 830 -7.73 12.42 -13.66
CA GLY C 830 -7.42 11.36 -12.71
C GLY C 830 -6.23 11.59 -11.82
N GLU C 831 -5.25 12.36 -12.29
CA GLU C 831 -4.05 12.69 -11.53
C GLU C 831 -4.39 13.68 -10.42
N LYS C 832 -3.38 14.14 -9.69
CA LYS C 832 -3.56 15.06 -8.58
C LYS C 832 -3.11 16.45 -8.96
N VAL C 833 -3.52 17.44 -8.17
CA VAL C 833 -3.29 18.85 -8.45
C VAL C 833 -3.10 19.69 -7.20
N TYR C 834 -2.26 20.71 -7.31
CA TYR C 834 -2.12 21.73 -6.30
C TYR C 834 -3.18 22.76 -6.48
N VAL C 835 -3.48 23.48 -5.41
CA VAL C 835 -4.65 24.36 -5.42
C VAL C 835 -4.42 25.56 -4.53
N LEU C 836 -4.48 26.76 -5.12
CA LEU C 836 -4.41 27.96 -4.31
C LEU C 836 -5.66 28.82 -4.52
N PRO C 837 -6.09 29.49 -3.47
CA PRO C 837 -7.10 30.54 -3.59
C PRO C 837 -6.51 31.83 -4.12
N LEU C 838 -7.38 32.64 -4.74
CA LEU C 838 -7.01 33.92 -5.31
C LEU C 838 -7.91 35.08 -4.78
N ARG C 839 -7.30 36.26 -4.63
CA ARG C 839 -7.98 37.42 -4.06
C ARG C 839 -9.04 38.01 -4.98
N GLU C 840 -9.78 38.99 -4.46
CA GLU C 840 -10.82 39.68 -5.25
C GLU C 840 -10.24 40.38 -6.49
N GLY C 841 -10.91 40.20 -7.63
CA GLY C 841 -10.51 40.88 -8.85
C GLY C 841 -9.08 40.58 -9.30
N ASN C 842 -8.75 39.29 -9.32
CA ASN C 842 -7.50 38.81 -9.92
C ASN C 842 -7.61 38.68 -11.45
N PRO C 843 -6.49 38.75 -12.18
CA PRO C 843 -6.50 38.54 -13.64
C PRO C 843 -7.04 37.21 -14.16
N PHE C 844 -7.17 36.18 -13.32
CA PHE C 844 -7.68 34.87 -13.77
C PHE C 844 -9.21 34.73 -13.77
N GLY C 845 -9.91 35.74 -13.29
CA GLY C 845 -11.37 35.76 -13.28
C GLY C 845 -11.98 34.69 -12.39
N ASP C 846 -11.30 34.27 -11.31
CA ASP C 846 -11.87 33.25 -10.43
C ASP C 846 -11.16 33.14 -9.09
N LYS C 847 -11.78 32.41 -8.16
CA LYS C 847 -11.43 32.51 -6.74
C LYS C 847 -10.42 31.48 -6.27
N CYS C 848 -9.97 30.64 -7.21
CA CYS C 848 -8.85 29.74 -7.00
C CYS C 848 -8.29 29.25 -8.31
N ILE C 849 -7.15 28.56 -8.25
CA ILE C 849 -6.43 28.07 -9.42
C ILE C 849 -5.75 26.75 -9.07
N ALA C 850 -5.60 25.87 -10.07
CA ALA C 850 -5.05 24.52 -9.88
C ALA C 850 -4.00 24.13 -10.93
N TRP C 851 -2.94 23.45 -10.51
CA TRP C 851 -1.98 22.90 -11.47
C TRP C 851 -1.57 21.49 -11.00
N PRO C 852 -0.93 20.71 -11.84
CA PRO C 852 -0.68 19.31 -11.47
C PRO C 852 0.47 19.24 -10.49
N SER C 853 0.28 18.40 -9.49
CA SER C 853 1.17 18.29 -8.35
C SER C 853 2.53 17.74 -8.71
N GLY C 854 3.47 17.96 -7.79
CA GLY C 854 4.86 17.59 -7.99
C GLY C 854 5.61 18.52 -8.92
N THR C 855 4.93 19.56 -9.42
CA THR C 855 5.57 20.51 -10.32
C THR C 855 5.49 21.93 -9.77
N GLU C 856 6.42 22.75 -10.24
CA GLU C 856 6.27 24.19 -10.25
C GLU C 856 5.27 24.50 -11.37
N ILE C 857 4.37 25.48 -11.16
CA ILE C 857 3.48 25.99 -12.23
C ILE C 857 4.33 26.50 -13.38
N THR C 858 3.70 26.63 -14.55
CA THR C 858 4.32 27.26 -15.71
C THR C 858 4.89 28.62 -15.38
N ASP C 859 6.01 28.99 -16.00
CA ASP C 859 6.59 30.33 -15.83
C ASP C 859 5.65 31.38 -16.46
N LEU C 860 5.05 31.06 -17.61
CA LEU C 860 3.91 31.82 -18.16
C LEU C 860 3.15 32.60 -17.10
N ILE C 861 2.63 31.91 -16.10
CA ILE C 861 1.72 32.53 -15.14
C ILE C 861 2.23 32.56 -13.70
N LYS C 862 3.33 31.88 -13.42
CA LYS C 862 3.86 31.84 -12.06
C LYS C 862 3.84 33.22 -11.38
N ASP C 863 4.66 34.17 -11.81
CA ASP C 863 4.78 35.47 -11.13
C ASP C 863 3.43 36.19 -10.82
N ASP C 864 2.44 36.03 -11.71
CA ASP C 864 1.07 36.48 -11.41
C ASP C 864 0.41 35.70 -10.24
N VAL C 865 0.28 34.37 -10.30
CA VAL C 865 -0.34 33.67 -9.17
C VAL C 865 0.37 33.93 -7.82
N LEU C 866 1.69 34.01 -7.82
CA LEU C 866 2.42 34.35 -6.59
C LEU C 866 2.01 35.67 -5.90
N HIS C 867 1.59 36.63 -6.68
CA HIS C 867 1.31 37.98 -6.21
C HIS C 867 -0.20 38.15 -5.97
N TRP C 868 -1.00 37.18 -6.40
CA TRP C 868 -2.46 37.21 -6.25
C TRP C 868 -2.98 36.10 -5.33
N MET C 869 -2.08 35.26 -4.86
CA MET C 869 -2.39 34.31 -3.81
C MET C 869 -3.05 34.99 -2.64
N ASP C 870 -4.02 34.30 -2.07
CA ASP C 870 -4.71 34.77 -0.90
C ASP C 870 -4.21 34.01 0.30
N TYR C 871 -3.16 34.49 0.94
CA TYR C 871 -2.65 33.88 2.16
C TYR C 871 -3.74 34.00 3.25
N THR C 872 -4.47 35.12 3.31
CA THR C 872 -5.50 35.27 4.35
C THR C 872 -6.43 34.07 4.40
N VAL C 873 -6.94 33.71 3.24
CA VAL C 873 -7.88 32.63 3.11
C VAL C 873 -7.18 31.30 3.41
N LEU C 874 -5.97 31.18 2.87
CA LEU C 874 -5.15 30.01 3.04
C LEU C 874 -5.07 29.60 4.48
N LEU C 875 -4.88 30.61 5.32
CA LEU C 875 -4.55 30.39 6.69
C LEU C 875 -5.82 30.10 7.52
N GLU C 876 -6.93 30.77 7.19
CA GLU C 876 -8.19 30.53 7.87
C GLU C 876 -8.69 29.14 7.53
N LYS C 877 -8.78 28.86 6.24
CA LYS C 877 -9.29 27.60 5.72
C LYS C 877 -8.51 26.37 6.14
N THR C 878 -7.20 26.40 5.95
CA THR C 878 -6.37 25.18 6.04
C THR C 878 -5.58 25.01 7.32
N PHE C 879 -5.40 26.10 8.08
CA PHE C 879 -4.73 26.09 9.38
C PHE C 879 -5.66 26.41 10.54
N ILE C 880 -6.42 27.48 10.45
CA ILE C 880 -7.16 27.97 11.60
C ILE C 880 -8.35 27.07 11.89
N LYS C 881 -9.23 26.90 10.92
CA LYS C 881 -10.44 26.07 11.14
C LYS C 881 -10.08 24.74 11.77
N PRO C 882 -9.14 24.02 11.17
CA PRO C 882 -8.61 22.77 11.76
C PRO C 882 -8.13 22.87 13.20
N LEU C 883 -7.24 23.83 13.46
CA LEU C 883 -6.78 24.18 14.80
C LEU C 883 -7.90 24.43 15.82
N GLU C 884 -8.94 25.18 15.43
CA GLU C 884 -10.11 25.45 16.30
C GLU C 884 -10.78 24.14 16.63
N GLY C 885 -10.78 23.24 15.64
CA GLY C 885 -11.26 21.90 15.83
C GLY C 885 -10.63 21.22 17.04
N PHE C 886 -9.29 21.27 17.07
CA PHE C 886 -8.45 20.56 18.01
C PHE C 886 -8.48 21.16 19.39
N THR C 887 -8.70 22.44 19.47
CA THR C 887 -8.56 23.17 20.70
C THR C 887 -9.92 23.29 21.34
N SER C 888 -10.99 23.40 20.55
CA SER C 888 -12.33 23.36 21.09
C SER C 888 -12.47 22.06 21.87
N ALA C 889 -12.16 20.96 21.18
CA ALA C 889 -12.31 19.62 21.73
C ALA C 889 -11.60 19.44 23.08
N ALA C 890 -10.36 19.91 23.09
CA ALA C 890 -9.51 19.79 24.27
C ALA C 890 -9.69 20.90 25.32
N LYS C 891 -10.62 21.84 25.12
CA LYS C 891 -10.89 22.93 26.08
C LYS C 891 -9.68 23.86 26.26
N LEU C 892 -9.34 24.53 25.18
CA LEU C 892 -8.12 25.30 25.08
C LEU C 892 -8.25 26.40 24.04
N ASP C 893 -7.47 27.46 24.24
CA ASP C 893 -7.41 28.51 23.24
C ASP C 893 -5.99 28.60 22.68
N TYR C 894 -5.88 29.07 21.44
CA TYR C 894 -4.57 29.31 20.81
C TYR C 894 -4.20 30.78 20.84
N GLU C 895 -5.18 31.66 21.04
CA GLU C 895 -4.95 33.09 21.19
C GLU C 895 -5.43 33.53 22.59
N LYS C 896 -4.52 34.18 23.33
CA LYS C 896 -4.81 34.77 24.66
C LYS C 896 -6.18 35.49 24.69
N LYS C 897 -6.95 35.22 25.73
CA LYS C 897 -8.30 35.74 25.85
C LYS C 897 -8.33 37.24 26.15
N ALA C 898 -9.52 37.82 26.06
CA ALA C 898 -9.76 39.16 26.57
C ALA C 898 -9.61 39.01 28.07
N SER C 899 -8.39 39.28 28.54
CA SER C 899 -7.92 38.93 29.89
C SER C 899 -8.87 39.25 31.06
N LEU C 900 -9.72 40.28 30.92
CA LEU C 900 -10.43 40.94 32.04
C LEU C 900 -9.48 41.74 32.96
N PHE C 901 -8.16 41.59 32.75
CA PHE C 901 -7.12 42.41 33.40
C PHE C 901 -6.78 43.60 32.50
N ASP C 902 -6.55 43.27 31.22
CA ASP C 902 -6.63 44.21 30.10
C ASP C 902 -6.01 45.58 30.38
N1 DCP D . -9.31 -4.16 7.98
C2 DCP D . -9.65 -4.41 6.67
N3 DCP D . -8.98 -3.94 5.60
C4 DCP D . -7.90 -3.16 5.81
C5 DCP D . -7.49 -2.84 7.13
C6 DCP D . -8.22 -3.35 8.22
O2 DCP D . -10.61 -5.12 6.44
N4 DCP D . -7.31 -2.70 4.70
C1' DCP D . -10.17 -4.78 9.00
C2' DCP D . -9.75 -6.22 9.12
C3' DCP D . -8.86 -6.19 10.34
C4' DCP D . -9.67 -5.24 11.20
O4' DCP D . -10.04 -4.25 10.28
O3' DCP D . -8.73 -7.44 10.93
C5' DCP D . -8.82 -4.68 12.31
O5' DCP D . -7.93 -3.81 11.65
PA DCP D . -6.42 -3.63 12.08
O1A DCP D . -6.02 -2.42 11.36
O2A DCP D . -6.24 -3.51 13.62
O3A DCP D . -5.58 -4.89 11.51
PB DCP D . -5.68 -6.40 12.09
O1B DCP D . -6.16 -7.34 11.05
O2B DCP D . -6.52 -6.52 13.37
O3B DCP D . -4.18 -6.92 12.34
PG DCP D . -3.13 -6.32 13.38
O1G DCP D . -3.77 -5.26 14.32
O2G DCP D . -2.44 -7.47 14.23
O3G DCP D . -2.07 -5.48 12.51
CA CA E . -5.86 -5.52 15.18
CA CA F . -0.81 -5.55 18.59
CA CA G . -6.21 -1.61 15.44
#